data_3QF7
#
_entry.id   3QF7
#
_cell.length_a   49.149
_cell.length_b   68.400
_cell.length_c   71.111
_cell.angle_alpha   98.64
_cell.angle_beta   111.14
_cell.angle_gamma   92.03
#
_symmetry.space_group_name_H-M   'P 1'
#
loop_
_entity.id
_entity.type
_entity.pdbx_description
1 polymer Rad50
2 polymer Mre11
3 non-polymer 'PHOSPHOAMINOPHOSPHONIC ACID-ADENYLATE ESTER'
4 non-polymer 'MAGNESIUM ION'
5 water water
#
loop_
_entity_poly.entity_id
_entity_poly.type
_entity_poly.pdbx_seq_one_letter_code
_entity_poly.pdbx_strand_id
1 'polypeptide(L)'
;MRPERLTVRNFLGLKNVDIEFQSGITVVEGPNGAGKSSLFEAISFALFGNGIRYPNSYDYVNRNAVDGTARLVFQFERGG
KRYEIIREINALQRKHNAKLSEILENGKKAAIAAKPTSVKQEVEKILGIEHRTFIRTVFLPQGEIDKLLISPPSEITEII
SDVFQSKETLEKLEKLLKEKMKKLENEISSGGAGGAGGSLEKKLKEMSDEYNNLDLLRKYLFDKSNFSRYFTGRVLEAVL
KRTKAYLDILTNGRFDIDFDDEKGGFIIKDWGIERPARGLSGGERALISISLAMSLAEVASGRLDAFFIDEGFSSLDTEN
KEKIASVLKELERLNKVIVFITHDREFSEAFDRKLRITGGVVVNE
;
A,B
2 'polypeptide(L)' KEELDKLDYFELFKEYLKKREENHEKLLKILDELLDEVKKSEAGHHHHHH D,C
#
loop_
_chem_comp.id
_chem_comp.type
_chem_comp.name
_chem_comp.formula
ANP non-polymer 'PHOSPHOAMINOPHOSPHONIC ACID-ADENYLATE ESTER' 'C10 H17 N6 O12 P3'
MG non-polymer 'MAGNESIUM ION' 'Mg 2'
#
# COMPACT_ATOMS: atom_id res chain seq x y z
N MET A 1 14.50 21.16 9.58
CA MET A 1 13.27 21.29 10.37
C MET A 1 13.44 20.55 11.69
N ARG A 2 13.53 21.33 12.77
CA ARG A 2 13.73 20.78 14.11
C ARG A 2 12.51 21.01 15.01
N PRO A 3 11.72 19.94 15.27
CA PRO A 3 10.56 20.08 16.15
C PRO A 3 10.99 20.47 17.57
N GLU A 4 10.24 21.35 18.21
CA GLU A 4 10.56 21.78 19.57
C GLU A 4 9.44 21.51 20.55
N ARG A 5 8.21 21.85 20.17
CA ARG A 5 7.06 21.63 21.03
C ARG A 5 5.85 21.25 20.20
N LEU A 6 5.01 20.39 20.76
CA LEU A 6 3.75 20.01 20.15
C LEU A 6 2.68 19.94 21.22
N THR A 7 1.59 20.68 20.99
CA THR A 7 0.44 20.65 21.84
C THR A 7 -0.73 20.20 21.00
N VAL A 8 -1.51 19.25 21.52
CA VAL A 8 -2.61 18.70 20.76
C VAL A 8 -3.85 18.61 21.64
N ARG A 9 -4.98 19.07 21.13
CA ARG A 9 -6.25 18.82 21.79
C ARG A 9 -7.24 18.20 20.81
N ASN A 10 -7.83 17.06 21.19
CA ASN A 10 -8.92 16.48 20.42
C ASN A 10 -8.62 16.31 18.93
N PHE A 11 -7.48 15.68 18.66
CA PHE A 11 -7.06 15.39 17.30
C PHE A 11 -6.88 13.89 17.22
N LEU A 12 -7.58 13.25 16.29
CA LEU A 12 -7.58 11.80 16.14
C LEU A 12 -7.86 11.13 17.51
N GLY A 13 -6.97 10.25 17.95
CA GLY A 13 -7.18 9.56 19.21
C GLY A 13 -6.65 10.30 20.44
N LEU A 14 -6.13 11.50 20.23
CA LEU A 14 -5.53 12.25 21.33
C LEU A 14 -6.52 13.20 21.99
N LYS A 15 -6.52 13.20 23.32
CA LYS A 15 -7.40 14.08 24.08
C LYS A 15 -6.68 15.39 24.40
N ASN A 16 -5.62 15.28 25.19
CA ASN A 16 -4.79 16.42 25.52
C ASN A 16 -3.37 15.96 25.65
N VAL A 17 -2.49 16.52 24.85
CA VAL A 17 -1.08 16.20 24.93
C VAL A 17 -0.23 17.46 24.76
N ASP A 18 0.88 17.51 25.49
CA ASP A 18 1.78 18.65 25.43
C ASP A 18 3.20 18.12 25.59
N ILE A 19 3.97 18.11 24.51
CA ILE A 19 5.29 17.53 24.62
C ILE A 19 6.36 18.46 24.12
N GLU A 20 7.56 18.26 24.65
CA GLU A 20 8.75 18.95 24.19
C GLU A 20 9.68 17.94 23.54
N PHE A 21 10.26 18.28 22.39
CA PHE A 21 11.21 17.38 21.70
C PHE A 21 12.64 17.71 22.06
N GLN A 22 13.50 16.69 22.02
CA GLN A 22 14.94 16.85 22.31
C GLN A 22 15.79 16.28 21.17
N SER A 23 17.01 16.78 21.01
CA SER A 23 17.91 16.18 20.04
C SER A 23 18.22 14.76 20.50
N GLY A 24 18.74 13.94 19.60
CA GLY A 24 18.97 12.53 19.88
C GLY A 24 17.71 11.71 19.67
N ILE A 25 17.66 10.52 20.26
CA ILE A 25 16.57 9.57 20.04
C ILE A 25 15.57 9.53 21.17
N THR A 26 14.29 9.59 20.80
CA THR A 26 13.21 9.29 21.73
C THR A 26 12.34 8.21 21.11
N VAL A 27 12.03 7.17 21.89
CA VAL A 27 11.08 6.14 21.45
C VAL A 27 9.70 6.39 22.06
N VAL A 28 8.74 6.64 21.18
CA VAL A 28 7.35 6.78 21.57
C VAL A 28 6.77 5.38 21.66
N GLU A 29 6.38 4.96 22.87
CA GLU A 29 5.95 3.60 23.11
C GLU A 29 4.56 3.56 23.71
N GLY A 30 3.77 2.56 23.33
CA GLY A 30 2.40 2.43 23.82
C GLY A 30 1.64 1.35 23.07
N PRO A 31 0.48 0.94 23.61
CA PRO A 31 -0.31 -0.17 23.05
C PRO A 31 -1.07 0.24 21.79
N ASN A 32 -1.74 -0.72 21.14
CA ASN A 32 -2.55 -0.40 19.97
C ASN A 32 -3.64 0.60 20.36
N GLY A 33 -3.91 1.56 19.50
CA GLY A 33 -4.90 2.59 19.82
C GLY A 33 -4.54 3.61 20.90
N ALA A 34 -3.28 3.64 21.33
CA ALA A 34 -2.81 4.60 22.35
C ALA A 34 -2.84 6.08 21.93
N GLY A 35 -2.54 6.34 20.67
CA GLY A 35 -2.43 7.72 20.20
C GLY A 35 -1.07 8.06 19.62
N LYS A 36 -0.22 7.05 19.42
CA LYS A 36 1.15 7.26 18.91
C LYS A 36 1.15 7.81 17.48
N SER A 37 0.47 7.13 16.57
CA SER A 37 0.39 7.64 15.20
C SER A 37 -0.45 8.92 15.13
N SER A 38 -1.35 9.11 16.09
CA SER A 38 -2.07 10.39 16.17
C SER A 38 -1.11 11.56 16.37
N LEU A 39 -0.10 11.37 17.22
CA LEU A 39 0.95 12.38 17.42
C LEU A 39 1.71 12.65 16.13
N PHE A 40 2.12 11.57 15.47
CA PHE A 40 2.82 11.63 14.19
C PHE A 40 1.99 12.44 13.19
N GLU A 41 0.71 12.12 13.05
CA GLU A 41 -0.12 12.82 12.07
C GLU A 41 -0.44 14.26 12.50
N ALA A 42 -0.43 14.53 13.80
CA ALA A 42 -0.61 15.92 14.25
C ALA A 42 0.49 16.84 13.70
N ILE A 43 1.72 16.34 13.68
CA ILE A 43 2.84 17.10 13.15
C ILE A 43 2.69 17.35 11.65
N SER A 44 2.36 16.29 10.92
CA SER A 44 2.15 16.37 9.48
C SER A 44 1.09 17.41 9.18
N PHE A 45 0.00 17.31 9.93
CA PHE A 45 -1.15 18.20 9.70
C PHE A 45 -0.81 19.63 10.09
N ALA A 46 -0.13 19.80 11.23
CA ALA A 46 0.26 21.15 11.68
C ALA A 46 1.05 21.83 10.58
N LEU A 47 2.03 21.14 10.03
CA LEU A 47 2.88 21.69 8.97
C LEU A 47 2.16 21.90 7.62
N PHE A 48 1.53 20.85 7.10
CA PHE A 48 1.15 20.83 5.69
C PHE A 48 -0.35 20.84 5.45
N GLY A 49 -1.13 20.77 6.52
CA GLY A 49 -2.58 20.84 6.38
C GLY A 49 -3.22 19.51 5.99
N ASN A 50 -2.45 18.44 6.01
CA ASN A 50 -3.01 17.10 5.78
C ASN A 50 -2.33 16.07 6.68
N GLY A 51 -3.09 15.08 7.12
CA GLY A 51 -2.53 13.96 7.87
C GLY A 51 -2.25 12.83 6.91
N ILE A 52 -2.31 11.60 7.40
CA ILE A 52 -2.05 10.42 6.57
C ILE A 52 -3.34 9.63 6.31
N ARG A 53 -4.13 9.35 7.36
CA ARG A 53 -5.16 8.32 7.22
C ARG A 53 -6.50 8.76 6.60
N TYR A 54 -6.76 10.06 6.59
CA TYR A 54 -8.03 10.60 6.09
C TYR A 54 -7.82 11.67 5.02
N PRO A 55 -8.61 11.63 3.94
CA PRO A 55 -8.56 12.69 2.93
C PRO A 55 -9.25 13.98 3.36
N ASN A 56 -10.18 13.86 4.31
CA ASN A 56 -11.01 14.98 4.73
C ASN A 56 -10.51 15.58 6.04
N SER A 57 -10.17 16.87 6.02
CA SER A 57 -9.62 17.54 7.19
CA SER A 57 -9.61 17.53 7.20
C SER A 57 -10.49 17.43 8.45
N TYR A 58 -11.81 17.48 8.28
CA TYR A 58 -12.67 17.43 9.45
C TYR A 58 -12.70 16.09 10.13
N ASP A 59 -12.30 15.04 9.40
CA ASP A 59 -12.24 13.70 9.99
C ASP A 59 -11.15 13.54 11.04
N TYR A 60 -10.19 14.47 11.04
CA TYR A 60 -9.12 14.45 12.04
C TYR A 60 -9.56 14.91 13.42
N VAL A 61 -10.73 15.55 13.50
CA VAL A 61 -11.20 15.95 14.82
C VAL A 61 -11.59 14.71 15.63
N ASN A 62 -11.12 14.63 16.88
CA ASN A 62 -11.48 13.54 17.79
C ASN A 62 -12.99 13.54 17.96
N ARG A 63 -13.66 12.47 17.53
CA ARG A 63 -15.12 12.49 17.50
C ARG A 63 -15.74 12.55 18.90
N ASN A 64 -14.91 12.35 19.92
CA ASN A 64 -15.33 12.49 21.31
C ASN A 64 -15.37 13.92 21.83
N ALA A 65 -14.93 14.87 21.01
CA ALA A 65 -14.84 16.27 21.46
C ALA A 65 -16.19 16.94 21.61
N VAL A 66 -16.52 17.35 22.83
CA VAL A 66 -17.73 18.10 23.09
C VAL A 66 -17.90 19.28 22.14
N ASP A 67 -16.83 20.05 21.95
CA ASP A 67 -16.93 21.24 21.12
C ASP A 67 -16.69 20.94 19.64
N GLY A 68 -16.46 19.68 19.30
CA GLY A 68 -16.21 19.29 17.93
C GLY A 68 -15.01 19.96 17.30
N THR A 69 -14.01 20.30 18.12
CA THR A 69 -12.89 21.11 17.67
C THR A 69 -11.54 20.51 18.03
N ALA A 70 -10.68 20.39 17.03
CA ALA A 70 -9.29 19.99 17.27
C ALA A 70 -8.42 21.25 17.34
N ARG A 71 -7.44 21.25 18.24
CA ARG A 71 -6.46 22.32 18.28
C ARG A 71 -5.03 21.79 18.24
N LEU A 72 -4.20 22.39 17.38
CA LEU A 72 -2.79 22.04 17.25
C LEU A 72 -1.92 23.27 17.47
N VAL A 73 -0.86 23.11 18.26
CA VAL A 73 0.20 24.11 18.31
C VAL A 73 1.51 23.41 18.06
N PHE A 74 2.25 23.87 17.05
CA PHE A 74 3.52 23.22 16.71
C PHE A 74 4.62 24.23 16.56
N GLN A 75 5.68 24.05 17.34
CA GLN A 75 6.81 24.97 17.36
C GLN A 75 8.02 24.24 16.83
N PHE A 76 8.75 24.86 15.90
CA PHE A 76 9.94 24.24 15.30
C PHE A 76 10.99 25.27 14.90
N GLU A 77 12.21 24.80 14.70
CA GLU A 77 13.30 25.66 14.30
C GLU A 77 13.77 25.29 12.90
N ARG A 78 14.14 26.29 12.11
CA ARG A 78 14.71 26.06 10.79
C ARG A 78 15.60 27.24 10.41
N GLY A 79 16.84 26.93 10.07
CA GLY A 79 17.78 27.93 9.59
C GLY A 79 18.07 29.04 10.58
N GLY A 80 18.02 28.72 11.87
CA GLY A 80 18.31 29.70 12.90
C GLY A 80 17.12 30.58 13.26
N LYS A 81 15.96 30.25 12.72
CA LYS A 81 14.73 30.97 13.05
C LYS A 81 13.71 30.04 13.71
N ARG A 82 12.86 30.59 14.57
CA ARG A 82 11.88 29.79 15.29
C ARG A 82 10.46 30.14 14.85
N TYR A 83 9.62 29.13 14.70
CA TYR A 83 8.28 29.32 14.17
C TYR A 83 7.27 28.62 15.04
N GLU A 84 6.04 29.12 15.00
CA GLU A 84 4.93 28.51 15.71
C GLU A 84 3.71 28.47 14.81
N ILE A 85 3.11 27.29 14.67
CA ILE A 85 1.86 27.13 13.96
C ILE A 85 0.76 26.85 14.95
N ILE A 86 -0.37 27.54 14.77
CA ILE A 86 -1.57 27.23 15.53
C ILE A 86 -2.64 26.87 14.53
N ARG A 87 -3.34 25.77 14.76
CA ARG A 87 -4.49 25.46 13.92
C ARG A 87 -5.68 25.10 14.80
N GLU A 88 -6.88 25.47 14.35
CA GLU A 88 -8.11 24.99 14.97
C GLU A 88 -9.01 24.45 13.88
N ILE A 89 -9.51 23.24 14.07
CA ILE A 89 -10.31 22.59 13.06
C ILE A 89 -11.64 22.28 13.71
N ASN A 90 -12.71 22.85 13.17
CA ASN A 90 -14.03 22.73 13.82
C ASN A 90 -14.94 21.93 12.93
N ALA A 91 -15.21 20.68 13.32
CA ALA A 91 -15.94 19.76 12.47
C ALA A 91 -17.43 20.06 12.48
N LEU A 92 -17.89 20.70 13.55
CA LEU A 92 -19.28 21.10 13.67
C LEU A 92 -19.60 22.19 12.67
N GLN A 93 -18.83 23.27 12.72
CA GLN A 93 -19.06 24.43 11.87
C GLN A 93 -18.38 24.31 10.50
N ARG A 94 -17.55 23.28 10.35
CA ARG A 94 -16.78 23.13 9.11
C ARG A 94 -15.89 24.35 8.88
N LYS A 95 -15.11 24.72 9.89
CA LYS A 95 -14.14 25.80 9.76
C LYS A 95 -12.74 25.30 10.09
N HIS A 96 -11.75 25.86 9.42
CA HIS A 96 -10.35 25.49 9.65
C HIS A 96 -9.55 26.78 9.68
N ASN A 97 -9.13 27.17 10.88
CA ASN A 97 -8.33 28.36 11.04
C ASN A 97 -6.87 27.97 11.24
N ALA A 98 -5.96 28.76 10.69
CA ALA A 98 -4.52 28.46 10.80
C ALA A 98 -3.71 29.70 10.77
N LYS A 99 -2.60 29.69 11.52
CA LYS A 99 -1.67 30.80 11.46
C LYS A 99 -0.25 30.34 11.70
N LEU A 100 0.66 31.07 11.09
CA LEU A 100 2.10 30.81 11.23
C LEU A 100 2.76 32.08 11.68
N SER A 101 3.52 31.98 12.77
CA SER A 101 4.21 33.12 13.35
C SER A 101 5.69 32.81 13.50
N GLU A 102 6.52 33.85 13.38
CA GLU A 102 7.91 33.73 13.79
C GLU A 102 8.02 34.11 15.26
N ILE A 103 8.76 33.31 16.02
CA ILE A 103 9.04 33.64 17.42
C ILE A 103 10.36 34.41 17.47
N LEU A 104 10.28 35.68 17.84
CA LEU A 104 11.46 36.54 17.85
C LEU A 104 12.26 36.32 19.13
N GLU A 105 13.51 36.78 19.12
CA GLU A 105 14.40 36.60 20.27
C GLU A 105 13.73 37.03 21.58
N ASN A 106 12.93 38.09 21.50
CA ASN A 106 12.23 38.60 22.67
C ASN A 106 11.16 37.64 23.18
N GLY A 107 10.85 36.63 22.38
CA GLY A 107 9.83 35.66 22.76
C GLY A 107 8.45 36.04 22.27
N LYS A 108 8.33 37.26 21.75
CA LYS A 108 7.09 37.72 21.14
C LYS A 108 6.93 37.06 19.77
N LYS A 109 5.70 37.05 19.27
CA LYS A 109 5.38 36.38 18.01
C LYS A 109 4.87 37.35 16.97
N ALA A 110 5.31 37.16 15.73
CA ALA A 110 4.89 37.99 14.61
C ALA A 110 4.31 37.08 13.53
N ALA A 111 3.02 37.23 13.26
CA ALA A 111 2.37 36.40 12.26
C ALA A 111 2.93 36.69 10.87
N ILE A 112 3.16 35.63 10.12
CA ILE A 112 3.66 35.79 8.77
C ILE A 112 2.73 35.09 7.79
N ALA A 113 1.73 34.37 8.31
CA ALA A 113 0.69 33.81 7.47
C ALA A 113 -0.56 33.54 8.24
N ALA A 114 -1.69 33.70 7.55
CA ALA A 114 -2.99 33.40 8.09
C ALA A 114 -3.77 32.63 7.02
N LYS A 115 -4.54 31.66 7.48
CA LYS A 115 -5.36 30.78 6.66
C LYS A 115 -4.56 29.58 6.16
N PRO A 116 -5.25 28.44 6.06
CA PRO A 116 -4.63 27.16 5.70
C PRO A 116 -3.80 27.24 4.43
N THR A 117 -4.32 27.86 3.37
CA THR A 117 -3.56 27.87 2.12
C THR A 117 -2.25 28.63 2.25
N SER A 118 -2.29 29.79 2.91
CA SER A 118 -1.09 30.60 3.05
C SER A 118 -0.10 30.01 4.04
N VAL A 119 -0.62 29.40 5.11
CA VAL A 119 0.27 28.74 6.06
C VAL A 119 1.01 27.60 5.34
N LYS A 120 0.28 26.82 4.55
CA LYS A 120 0.90 25.71 3.83
C LYS A 120 1.98 26.21 2.88
N GLN A 121 1.65 27.21 2.07
CA GLN A 121 2.62 27.80 1.15
C GLN A 121 3.88 28.31 1.86
N GLU A 122 3.70 28.94 3.02
CA GLU A 122 4.85 29.52 3.71
C GLU A 122 5.70 28.43 4.36
N VAL A 123 5.06 27.38 4.87
CA VAL A 123 5.78 26.23 5.40
C VAL A 123 6.59 25.52 4.30
N GLU A 124 5.99 25.34 3.14
CA GLU A 124 6.72 24.71 2.05
C GLU A 124 7.95 25.55 1.70
N LYS A 125 7.79 26.87 1.68
CA LYS A 125 8.87 27.77 1.35
C LYS A 125 9.98 27.69 2.38
N ILE A 126 9.58 27.70 3.65
CA ILE A 126 10.53 27.63 4.77
C ILE A 126 11.28 26.30 4.83
N LEU A 127 10.53 25.21 4.71
CA LEU A 127 11.12 23.86 4.78
C LEU A 127 11.84 23.45 3.51
N GLY A 128 11.43 24.06 2.39
CA GLY A 128 11.98 23.74 1.08
C GLY A 128 11.53 22.40 0.52
N ILE A 129 10.41 21.88 1.01
CA ILE A 129 9.91 20.61 0.50
C ILE A 129 8.40 20.55 0.54
N GLU A 130 7.79 19.65 -0.22
CA GLU A 130 6.35 19.47 -0.11
C GLU A 130 5.99 18.28 0.77
N HIS A 131 4.70 18.13 1.06
CA HIS A 131 4.22 17.11 1.97
C HIS A 131 4.65 15.69 1.56
N ARG A 132 4.43 15.32 0.30
CA ARG A 132 4.83 13.97 -0.15
C ARG A 132 6.31 13.70 0.14
N THR A 133 7.15 14.68 -0.14
CA THR A 133 8.60 14.52 0.05
C THR A 133 8.91 14.23 1.52
N PHE A 134 8.31 15.04 2.39
CA PHE A 134 8.48 14.90 3.82
C PHE A 134 8.17 13.47 4.26
N ILE A 135 7.00 12.94 3.88
CA ILE A 135 6.59 11.63 4.39
C ILE A 135 7.24 10.43 3.68
N ARG A 136 7.86 10.67 2.52
CA ARG A 136 8.54 9.57 1.82
C ARG A 136 10.01 9.46 2.20
N THR A 137 10.56 10.48 2.83
CA THR A 137 12.00 10.52 3.08
C THR A 137 12.33 10.35 4.56
N VAL A 138 11.99 11.34 5.38
CA VAL A 138 12.44 11.33 6.76
C VAL A 138 11.34 11.30 7.81
N PHE A 139 10.08 11.27 7.39
CA PHE A 139 8.96 11.30 8.33
C PHE A 139 8.01 10.18 7.88
N LEU A 140 8.35 8.96 8.27
CA LEU A 140 7.84 7.74 7.61
C LEU A 140 6.61 7.16 8.31
N PRO A 141 5.47 7.14 7.61
CA PRO A 141 4.22 6.69 8.24
C PRO A 141 4.13 5.18 8.42
N GLN A 142 3.25 4.78 9.33
CA GLN A 142 3.06 3.37 9.63
C GLN A 142 2.52 2.62 8.42
N GLY A 143 3.16 1.50 8.08
CA GLY A 143 2.75 0.71 6.94
C GLY A 143 3.35 1.20 5.64
N GLU A 144 4.09 2.30 5.70
CA GLU A 144 4.61 2.91 4.48
C GLU A 144 6.11 3.06 4.49
N ILE A 145 6.79 2.35 5.37
CA ILE A 145 8.25 2.45 5.47
C ILE A 145 8.95 2.26 4.11
N ASP A 146 8.43 1.34 3.31
CA ASP A 146 9.09 0.97 2.06
C ASP A 146 8.54 1.67 0.81
N LYS A 147 7.70 2.69 1.00
CA LYS A 147 7.05 3.32 -0.16
C LYS A 147 8.02 4.01 -1.14
N LEU A 148 8.99 4.75 -0.62
CA LEU A 148 10.03 5.33 -1.48
C LEU A 148 10.81 4.23 -2.18
N LEU A 149 11.18 3.20 -1.43
CA LEU A 149 12.00 2.14 -2.01
C LEU A 149 11.34 1.46 -3.23
N ILE A 150 10.03 1.24 -3.16
CA ILE A 150 9.35 0.57 -4.28
C ILE A 150 8.66 1.52 -5.26
N SER A 151 8.94 2.81 -5.13
CA SER A 151 8.30 3.80 -5.99
C SER A 151 8.78 3.73 -7.43
N PRO A 152 7.97 4.24 -8.36
CA PRO A 152 8.43 4.32 -9.75
C PRO A 152 9.54 5.38 -9.88
N PRO A 153 10.38 5.27 -10.92
CA PRO A 153 11.56 6.13 -11.07
C PRO A 153 11.25 7.65 -11.07
N SER A 154 10.14 8.07 -11.68
CA SER A 154 9.86 9.51 -11.75
C SER A 154 9.51 10.08 -10.38
N GLU A 155 8.86 9.28 -9.55
CA GLU A 155 8.53 9.75 -8.21
C GLU A 155 9.80 9.80 -7.35
N ILE A 156 10.64 8.78 -7.48
CA ILE A 156 11.91 8.75 -6.73
C ILE A 156 12.72 10.02 -7.00
N THR A 157 12.89 10.34 -8.28
CA THR A 157 13.73 11.47 -8.63
C THR A 157 13.10 12.79 -8.18
N GLU A 158 11.79 12.93 -8.33
CA GLU A 158 11.10 14.15 -7.88
C GLU A 158 11.28 14.32 -6.38
N ILE A 159 11.10 13.23 -5.64
CA ILE A 159 11.13 13.26 -4.19
C ILE A 159 12.53 13.53 -3.64
N ILE A 160 13.49 12.74 -4.09
CA ILE A 160 14.84 12.89 -3.53
C ILE A 160 15.45 14.25 -3.89
N SER A 161 15.24 14.73 -5.12
CA SER A 161 15.73 16.03 -5.54
CA SER A 161 15.76 16.03 -5.51
C SER A 161 15.08 17.19 -4.79
N ASP A 162 13.80 17.03 -4.44
CA ASP A 162 13.04 18.06 -3.72
C ASP A 162 13.72 18.38 -2.39
N VAL A 163 14.31 17.38 -1.76
CA VAL A 163 14.95 17.61 -0.48
C VAL A 163 16.07 18.65 -0.59
N PHE A 164 16.75 18.67 -1.72
CA PHE A 164 17.98 19.45 -1.84
C PHE A 164 17.89 20.70 -2.71
N GLN A 165 16.69 21.10 -3.09
CA GLN A 165 16.54 22.35 -3.85
C GLN A 165 15.25 23.06 -3.47
N SER A 166 15.21 24.37 -3.69
CA SER A 166 14.05 25.19 -3.35
C SER A 166 13.26 25.53 -4.61
N LYS A 167 12.05 25.00 -4.72
N LYS A 167 12.05 25.01 -4.72
CA LYS A 167 11.24 25.26 -5.91
CA LYS A 167 11.25 25.25 -5.92
C LYS A 167 10.82 26.73 -5.97
C LYS A 167 10.70 26.68 -5.97
N GLU A 168 10.58 27.31 -4.80
CA GLU A 168 10.19 28.71 -4.73
C GLU A 168 11.28 29.62 -5.30
N THR A 169 12.52 29.36 -4.92
CA THR A 169 13.64 30.14 -5.43
C THR A 169 13.78 29.97 -6.92
N LEU A 170 13.73 28.72 -7.37
CA LEU A 170 13.88 28.42 -8.78
C LEU A 170 12.73 29.03 -9.58
N GLU A 171 11.54 29.00 -9.00
CA GLU A 171 10.38 29.60 -9.63
C GLU A 171 10.57 31.10 -9.79
N LYS A 172 11.13 31.75 -8.78
CA LYS A 172 11.34 33.19 -8.86
C LYS A 172 12.43 33.49 -9.87
N LEU A 173 13.48 32.69 -9.87
CA LEU A 173 14.59 32.87 -10.78
C LEU A 173 14.13 32.71 -12.24
N GLU A 174 13.26 31.73 -12.49
CA GLU A 174 12.82 31.50 -13.85
C GLU A 174 11.92 32.65 -14.32
N LYS A 175 11.12 33.18 -13.40
CA LYS A 175 10.22 34.29 -13.74
C LYS A 175 11.00 35.56 -14.05
N LEU A 176 11.98 35.85 -13.20
CA LEU A 176 12.86 37.01 -13.38
C LEU A 176 13.61 36.94 -14.69
N LEU A 177 14.21 35.79 -14.97
CA LEU A 177 14.91 35.57 -16.22
C LEU A 177 13.98 35.82 -17.41
N LYS A 178 12.78 35.28 -17.35
CA LYS A 178 11.84 35.46 -18.46
C LYS A 178 11.43 36.91 -18.64
N GLU A 179 11.23 37.61 -17.53
CA GLU A 179 10.84 39.02 -17.61
C GLU A 179 11.96 39.86 -18.22
N LYS A 180 13.20 39.56 -17.86
CA LYS A 180 14.31 40.27 -18.47
C LYS A 180 14.36 40.02 -19.97
N MET A 181 14.17 38.78 -20.37
CA MET A 181 14.12 38.45 -21.79
C MET A 181 13.02 39.23 -22.50
N LYS A 182 11.82 39.26 -21.90
CA LYS A 182 10.69 39.92 -22.55
C LYS A 182 10.94 41.42 -22.71
N LYS A 183 11.58 42.01 -21.71
CA LYS A 183 11.92 43.43 -21.73
C LYS A 183 12.90 43.73 -22.87
N LEU A 184 13.92 42.88 -22.99
CA LEU A 184 14.87 43.01 -24.09
C LEU A 184 14.21 42.78 -25.44
N GLU A 185 13.30 41.82 -25.51
CA GLU A 185 12.60 41.58 -26.77
C GLU A 185 11.90 42.88 -27.17
N ASN A 186 11.28 43.52 -26.18
CA ASN A 186 10.54 44.76 -26.39
C ASN A 186 11.46 45.89 -26.87
N GLU A 187 12.57 46.06 -26.17
CA GLU A 187 13.55 47.10 -26.51
C GLU A 187 14.17 46.89 -27.88
N ILE A 188 14.63 45.67 -28.15
CA ILE A 188 15.22 45.33 -29.44
C ILE A 188 14.22 45.59 -30.57
N SER A 189 12.98 45.16 -30.36
CA SER A 189 11.91 45.36 -31.33
C SER A 189 11.78 46.83 -31.74
N SER A 190 11.93 47.72 -30.77
CA SER A 190 11.85 49.15 -31.06
C SER A 190 13.25 49.79 -31.08
N GLY A 197 24.94 54.05 -36.46
CA GLY A 197 26.04 54.65 -35.73
C GLY A 197 26.76 53.63 -34.85
N GLY A 198 28.05 53.86 -34.65
CA GLY A 198 28.88 52.97 -33.84
C GLY A 198 28.25 52.64 -32.50
N SER A 199 27.83 53.66 -31.77
CA SER A 199 27.27 53.45 -30.45
C SER A 199 25.97 52.63 -30.49
N LEU A 200 25.12 52.90 -31.48
CA LEU A 200 23.85 52.20 -31.59
C LEU A 200 24.04 50.74 -32.02
N GLU A 201 24.97 50.53 -32.95
CA GLU A 201 25.28 49.17 -33.40
C GLU A 201 25.75 48.35 -32.23
N LYS A 202 26.57 48.95 -31.37
CA LYS A 202 27.11 48.24 -30.23
C LYS A 202 25.97 47.94 -29.24
N LYS A 203 25.10 48.91 -29.02
CA LYS A 203 23.97 48.75 -28.09
C LYS A 203 22.98 47.64 -28.50
N LEU A 204 22.67 47.57 -29.79
CA LEU A 204 21.75 46.52 -30.26
C LEU A 204 22.38 45.15 -30.09
N LYS A 205 23.69 45.06 -30.34
CA LYS A 205 24.39 43.78 -30.22
C LYS A 205 24.48 43.38 -28.76
N GLU A 206 24.74 44.34 -27.88
CA GLU A 206 24.77 44.09 -26.46
C GLU A 206 23.45 43.46 -26.00
N MET A 207 22.35 44.01 -26.50
CA MET A 207 21.02 43.53 -26.12
C MET A 207 20.74 42.15 -26.70
N SER A 208 21.13 41.94 -27.96
CA SER A 208 20.94 40.65 -28.60
CA SER A 208 20.95 40.65 -28.61
C SER A 208 21.72 39.59 -27.84
N ASP A 209 22.99 39.88 -27.55
CA ASP A 209 23.85 38.94 -26.85
C ASP A 209 23.30 38.62 -25.47
N GLU A 210 22.82 39.64 -24.76
CA GLU A 210 22.27 39.41 -23.42
C GLU A 210 21.01 38.55 -23.49
N TYR A 211 20.13 38.88 -24.43
CA TYR A 211 18.96 38.05 -24.67
C TYR A 211 19.37 36.59 -24.91
N ASN A 212 20.32 36.39 -25.81
CA ASN A 212 20.71 35.03 -26.20
C ASN A 212 21.41 34.27 -25.07
N ASN A 213 22.12 35.00 -24.23
CA ASN A 213 22.79 34.44 -23.07
C ASN A 213 21.80 34.07 -21.96
N LEU A 214 20.83 34.95 -21.71
CA LEU A 214 19.74 34.61 -20.82
C LEU A 214 19.01 33.35 -21.31
N ASP A 215 18.77 33.28 -22.62
CA ASP A 215 18.08 32.13 -23.19
C ASP A 215 18.89 30.83 -23.01
N LEU A 216 20.20 30.94 -23.16
CA LEU A 216 21.08 29.79 -23.03
C LEU A 216 21.09 29.33 -21.58
N LEU A 217 21.21 30.29 -20.69
CA LEU A 217 21.17 30.02 -19.26
C LEU A 217 19.83 29.40 -18.87
N ARG A 218 18.76 29.92 -19.47
CA ARG A 218 17.43 29.40 -19.24
C ARG A 218 17.35 27.90 -19.57
N LYS A 219 17.91 27.51 -20.70
CA LYS A 219 17.87 26.10 -21.11
C LYS A 219 18.72 25.20 -20.21
N TYR A 220 19.92 25.65 -19.84
CA TYR A 220 20.79 24.83 -18.99
C TYR A 220 20.17 24.65 -17.61
N LEU A 221 19.60 25.73 -17.07
CA LEU A 221 19.03 25.70 -15.74
C LEU A 221 17.68 25.00 -15.68
N PHE A 222 16.81 25.28 -16.63
CA PHE A 222 15.42 24.88 -16.47
C PHE A 222 14.94 23.75 -17.38
N ASP A 223 15.66 23.45 -18.45
CA ASP A 223 15.29 22.28 -19.23
C ASP A 223 15.62 21.02 -18.42
N LYS A 224 14.63 20.15 -18.26
CA LYS A 224 14.71 18.96 -17.42
C LYS A 224 15.91 18.07 -17.72
N SER A 225 16.29 18.01 -19.00
CA SER A 225 17.34 17.10 -19.45
C SER A 225 18.75 17.63 -19.20
N ASN A 226 18.84 18.87 -18.74
CA ASN A 226 20.13 19.49 -18.50
C ASN A 226 20.53 19.44 -17.03
N PHE A 227 20.66 20.59 -16.37
CA PHE A 227 21.17 20.59 -15.00
C PHE A 227 20.35 19.74 -14.04
N SER A 228 19.03 19.85 -14.11
CA SER A 228 18.18 19.11 -13.18
C SER A 228 18.52 17.62 -13.16
N ARG A 229 18.68 17.04 -14.34
CA ARG A 229 19.00 15.63 -14.46
C ARG A 229 20.31 15.32 -13.75
N TYR A 230 21.28 16.19 -13.95
CA TYR A 230 22.61 16.02 -13.41
C TYR A 230 22.62 16.20 -11.89
N PHE A 231 21.94 17.24 -11.41
CA PHE A 231 21.85 17.47 -9.97
C PHE A 231 21.20 16.30 -9.25
N THR A 232 20.10 15.80 -9.81
CA THR A 232 19.43 14.63 -9.25
C THR A 232 20.39 13.45 -9.16
N GLY A 233 21.14 13.21 -10.24
CA GLY A 233 22.16 12.16 -10.21
C GLY A 233 23.21 12.35 -9.12
N ARG A 234 23.67 13.58 -8.92
CA ARG A 234 24.64 13.87 -7.85
C ARG A 234 24.04 13.60 -6.46
N VAL A 235 22.80 14.00 -6.27
CA VAL A 235 22.08 13.73 -5.02
C VAL A 235 21.94 12.23 -4.74
N LEU A 236 21.49 11.47 -5.74
CA LEU A 236 21.31 10.03 -5.58
C LEU A 236 22.62 9.33 -5.26
N GLU A 237 23.69 9.81 -5.89
CA GLU A 237 25.00 9.19 -5.70
C GLU A 237 25.44 9.32 -4.24
N ALA A 238 25.29 10.52 -3.69
CA ALA A 238 25.65 10.78 -2.30
C ALA A 238 24.80 9.95 -1.33
N VAL A 239 23.49 9.91 -1.56
CA VAL A 239 22.59 9.18 -0.69
C VAL A 239 22.85 7.67 -0.77
N LEU A 240 22.97 7.16 -1.99
CA LEU A 240 23.23 5.72 -2.14
C LEU A 240 24.62 5.29 -1.65
N LYS A 241 25.60 6.18 -1.73
CA LYS A 241 26.92 5.84 -1.22
C LYS A 241 26.82 5.48 0.26
N ARG A 242 26.10 6.32 1.02
CA ARG A 242 25.85 6.07 2.45
C ARG A 242 24.98 4.83 2.67
N THR A 243 23.94 4.68 1.85
CA THR A 243 23.05 3.54 1.96
C THR A 243 23.82 2.21 1.76
N LYS A 244 24.70 2.17 0.75
CA LYS A 244 25.53 0.99 0.51
C LYS A 244 26.39 0.63 1.72
N ALA A 245 26.86 1.66 2.42
CA ALA A 245 27.75 1.45 3.57
C ALA A 245 26.96 0.79 4.68
N TYR A 246 25.72 1.26 4.88
CA TYR A 246 24.85 0.63 5.86
C TYR A 246 24.50 -0.80 5.49
N LEU A 247 24.16 -1.05 4.22
CA LEU A 247 23.82 -2.41 3.80
C LEU A 247 25.00 -3.33 4.03
N ASP A 248 26.19 -2.84 3.69
CA ASP A 248 27.41 -3.61 3.89
C ASP A 248 27.50 -4.09 5.34
N ILE A 249 27.36 -3.16 6.28
CA ILE A 249 27.39 -3.44 7.71
C ILE A 249 26.26 -4.36 8.17
N LEU A 250 25.05 -4.05 7.74
CA LEU A 250 23.85 -4.76 8.20
C LEU A 250 23.69 -6.16 7.62
N THR A 251 24.24 -6.40 6.44
CA THR A 251 23.99 -7.65 5.75
C THR A 251 25.28 -8.39 5.41
N ASN A 252 26.39 -7.97 6.02
CA ASN A 252 27.67 -8.62 5.80
C ASN A 252 28.04 -8.75 4.34
N GLY A 253 27.88 -7.67 3.58
CA GLY A 253 28.29 -7.62 2.18
C GLY A 253 27.32 -8.21 1.17
N ARG A 254 26.20 -8.76 1.64
CA ARG A 254 25.29 -9.47 0.75
C ARG A 254 24.51 -8.55 -0.19
N PHE A 255 23.96 -7.48 0.36
CA PHE A 255 23.03 -6.64 -0.40
C PHE A 255 23.62 -5.32 -0.85
N ASP A 256 23.31 -4.95 -2.09
CA ASP A 256 23.77 -3.70 -2.66
C ASP A 256 22.54 -2.98 -3.20
N ILE A 257 22.65 -1.68 -3.46
CA ILE A 257 21.52 -0.93 -4.00
C ILE A 257 22.02 0.05 -5.03
N ASP A 258 21.25 0.23 -6.10
CA ASP A 258 21.54 1.23 -7.13
C ASP A 258 20.21 1.75 -7.64
N PHE A 259 20.25 2.84 -8.41
CA PHE A 259 19.05 3.36 -9.04
C PHE A 259 19.21 3.26 -10.56
N ASP A 260 18.15 2.84 -11.24
CA ASP A 260 18.18 2.73 -12.70
C ASP A 260 16.78 2.97 -13.22
N ASP A 261 16.59 4.07 -13.93
CA ASP A 261 15.26 4.45 -14.40
C ASP A 261 14.65 3.40 -15.31
N GLU A 262 15.47 2.82 -16.18
CA GLU A 262 14.98 1.85 -17.15
C GLU A 262 14.55 0.54 -16.49
N LYS A 263 15.18 0.21 -15.37
CA LYS A 263 14.87 -1.04 -14.67
C LYS A 263 13.76 -0.89 -13.62
N GLY A 264 13.24 0.33 -13.45
CA GLY A 264 12.08 0.55 -12.61
C GLY A 264 12.36 1.22 -11.28
N GLY A 265 13.56 1.77 -11.11
CA GLY A 265 13.87 2.54 -9.92
C GLY A 265 14.99 1.90 -9.11
N PHE A 266 14.71 1.57 -7.86
CA PHE A 266 15.75 1.01 -7.01
C PHE A 266 15.91 -0.47 -7.32
N ILE A 267 17.13 -0.86 -7.64
CA ILE A 267 17.46 -2.24 -7.95
C ILE A 267 18.43 -2.74 -6.90
N ILE A 268 18.11 -3.86 -6.26
CA ILE A 268 18.94 -4.40 -5.22
C ILE A 268 19.74 -5.52 -5.84
N LYS A 269 20.99 -5.67 -5.44
CA LYS A 269 21.75 -6.86 -5.84
C LYS A 269 21.97 -7.75 -4.62
N ASP A 270 21.64 -9.02 -4.80
CA ASP A 270 21.77 -10.04 -3.77
C ASP A 270 22.96 -10.90 -4.19
N TRP A 271 24.11 -10.72 -3.51
CA TRP A 271 25.37 -11.31 -3.96
C TRP A 271 25.56 -11.14 -5.47
N GLY A 272 25.26 -9.96 -5.99
CA GLY A 272 25.48 -9.68 -7.40
C GLY A 272 24.28 -9.84 -8.30
N ILE A 273 23.24 -10.53 -7.81
CA ILE A 273 22.06 -10.82 -8.63
C ILE A 273 21.02 -9.70 -8.46
N GLU A 274 20.64 -9.08 -9.58
CA GLU A 274 19.72 -7.95 -9.53
C GLU A 274 18.31 -8.37 -9.16
N ARG A 275 17.62 -7.52 -8.41
CA ARG A 275 16.29 -7.80 -7.88
C ARG A 275 15.53 -6.48 -7.77
N PRO A 276 14.36 -6.37 -8.41
CA PRO A 276 13.56 -5.16 -8.15
C PRO A 276 13.32 -5.05 -6.64
N ALA A 277 13.34 -3.84 -6.10
CA ALA A 277 13.14 -3.67 -4.67
C ALA A 277 11.88 -4.40 -4.17
N ARG A 278 10.82 -4.39 -4.96
CA ARG A 278 9.57 -5.00 -4.55
C ARG A 278 9.70 -6.53 -4.40
N GLY A 279 10.76 -7.09 -4.97
CA GLY A 279 10.96 -8.53 -4.93
C GLY A 279 11.52 -9.00 -3.60
N LEU A 280 12.05 -8.06 -2.81
CA LEU A 280 12.65 -8.39 -1.53
C LEU A 280 11.60 -8.87 -0.53
N SER A 281 12.02 -9.62 0.48
CA SER A 281 11.08 -10.08 1.49
C SER A 281 10.59 -8.90 2.33
N GLY A 282 9.54 -9.13 3.11
CA GLY A 282 9.01 -8.07 3.97
C GLY A 282 10.08 -7.48 4.88
N GLY A 283 10.87 -8.33 5.51
CA GLY A 283 11.86 -7.86 6.47
C GLY A 283 13.06 -7.23 5.78
N GLU A 284 13.43 -7.79 4.63
CA GLU A 284 14.50 -7.20 3.82
C GLU A 284 14.13 -5.79 3.39
N ARG A 285 12.87 -5.61 2.98
CA ARG A 285 12.43 -4.27 2.54
C ARG A 285 12.45 -3.30 3.70
N ALA A 286 12.08 -3.76 4.89
CA ALA A 286 12.11 -2.87 6.06
C ALA A 286 13.56 -2.47 6.37
N LEU A 287 14.47 -3.44 6.37
CA LEU A 287 15.86 -3.18 6.69
C LEU A 287 16.51 -2.24 5.67
N ILE A 288 16.25 -2.48 4.40
CA ILE A 288 16.83 -1.62 3.35
C ILE A 288 16.19 -0.23 3.29
N SER A 289 14.88 -0.15 3.51
CA SER A 289 14.20 1.13 3.51
C SER A 289 14.67 1.98 4.68
N ILE A 290 14.92 1.34 5.82
CA ILE A 290 15.40 2.08 6.98
C ILE A 290 16.82 2.60 6.72
N SER A 291 17.65 1.77 6.06
CA SER A 291 19.00 2.20 5.70
C SER A 291 18.97 3.39 4.74
N LEU A 292 18.09 3.33 3.75
CA LEU A 292 17.93 4.45 2.79
C LEU A 292 17.44 5.71 3.51
N ALA A 293 16.48 5.54 4.42
CA ALA A 293 15.88 6.69 5.12
C ALA A 293 16.93 7.34 6.02
N MET A 294 17.71 6.48 6.67
CA MET A 294 18.72 6.95 7.60
C MET A 294 19.78 7.73 6.82
N SER A 295 20.13 7.22 5.65
CA SER A 295 21.09 7.88 4.76
C SER A 295 20.59 9.24 4.28
N LEU A 296 19.35 9.29 3.83
CA LEU A 296 18.73 10.57 3.48
C LEU A 296 18.76 11.55 4.65
N ALA A 297 18.35 11.11 5.83
CA ALA A 297 18.33 12.01 6.99
C ALA A 297 19.72 12.59 7.26
N GLU A 298 20.74 11.75 7.12
CA GLU A 298 22.11 12.21 7.36
C GLU A 298 22.57 13.21 6.31
N VAL A 299 22.36 12.87 5.05
CA VAL A 299 22.77 13.75 3.95
C VAL A 299 21.97 15.08 3.98
N ALA A 300 20.77 15.04 4.55
CA ALA A 300 19.91 16.23 4.55
C ALA A 300 20.03 17.09 5.82
N SER A 301 20.98 16.74 6.69
CA SER A 301 21.22 17.54 7.91
C SER A 301 21.44 19.00 7.54
N GLY A 302 20.84 19.90 8.30
CA GLY A 302 20.86 21.31 7.97
C GLY A 302 19.63 21.75 7.19
N ARG A 303 19.14 20.88 6.32
CA ARG A 303 17.89 21.13 5.59
C ARG A 303 16.68 20.55 6.33
N LEU A 304 16.75 19.26 6.66
CA LEU A 304 15.73 18.58 7.45
C LEU A 304 16.40 17.96 8.68
N ASP A 305 16.07 18.48 9.85
CA ASP A 305 16.73 18.09 11.08
C ASP A 305 15.81 17.26 11.98
N ALA A 306 14.94 16.48 11.35
CA ALA A 306 14.10 15.52 12.04
C ALA A 306 14.13 14.18 11.31
N PHE A 307 13.96 13.11 12.06
CA PHE A 307 13.89 11.77 11.48
C PHE A 307 12.90 10.99 12.33
N PHE A 308 11.72 10.71 11.78
CA PHE A 308 10.66 9.97 12.49
C PHE A 308 10.35 8.69 11.72
N ILE A 309 10.22 7.59 12.44
CA ILE A 309 9.73 6.36 11.83
C ILE A 309 8.58 5.83 12.67
N ASP A 310 7.41 5.74 12.05
CA ASP A 310 6.25 5.20 12.76
C ASP A 310 6.13 3.71 12.51
N GLU A 311 6.66 2.94 13.45
CA GLU A 311 6.54 1.49 13.44
CA GLU A 311 6.52 1.49 13.44
C GLU A 311 7.04 0.93 12.12
N GLY A 312 8.29 1.19 11.79
CA GLY A 312 8.87 0.54 10.65
C GLY A 312 9.63 -0.74 11.01
N PHE A 313 9.33 -1.36 12.17
CA PHE A 313 10.21 -2.36 12.80
C PHE A 313 9.62 -3.77 12.93
N SER A 314 8.30 -3.88 12.88
CA SER A 314 7.62 -5.13 13.18
C SER A 314 7.94 -6.27 12.22
N SER A 315 8.31 -5.95 10.99
CA SER A 315 8.63 -6.95 9.97
C SER A 315 10.00 -7.58 10.18
N LEU A 316 10.83 -6.96 11.01
CA LEU A 316 12.19 -7.46 11.26
C LEU A 316 12.20 -8.64 12.23
N ASP A 317 12.95 -9.68 11.88
CA ASP A 317 13.11 -10.80 12.81
C ASP A 317 14.03 -10.39 13.96
N THR A 318 14.19 -11.28 14.94
CA THR A 318 14.93 -10.92 16.15
C THR A 318 16.33 -10.39 15.85
N GLU A 319 17.05 -11.08 14.98
CA GLU A 319 18.43 -10.73 14.67
C GLU A 319 18.53 -9.40 13.92
N ASN A 320 17.65 -9.19 12.94
CA ASN A 320 17.65 -7.93 12.19
C ASN A 320 17.16 -6.74 13.02
N LYS A 321 16.25 -7.00 13.95
CA LYS A 321 15.76 -5.95 14.82
C LYS A 321 16.91 -5.44 15.66
N GLU A 322 17.72 -6.38 16.16
CA GLU A 322 18.85 -6.03 17.00
C GLU A 322 19.87 -5.25 16.18
N LYS A 323 20.14 -5.73 14.97
CA LYS A 323 21.11 -5.08 14.09
C LYS A 323 20.66 -3.67 13.78
N ILE A 324 19.37 -3.51 13.44
CA ILE A 324 18.82 -2.20 13.10
C ILE A 324 18.83 -1.22 14.27
N ALA A 325 18.45 -1.70 15.44
CA ALA A 325 18.48 -0.89 16.65
C ALA A 325 19.90 -0.39 16.92
N SER A 326 20.89 -1.25 16.72
CA SER A 326 22.28 -0.89 16.95
CA SER A 326 22.29 -0.89 16.94
C SER A 326 22.76 0.24 16.02
N VAL A 327 22.50 0.11 14.72
CA VAL A 327 22.90 1.15 13.79
CA VAL A 327 22.92 1.16 13.79
C VAL A 327 22.13 2.45 14.02
N LEU A 328 20.84 2.33 14.34
CA LEU A 328 20.04 3.54 14.58
C LEU A 328 20.58 4.29 15.80
N LYS A 329 21.01 3.54 16.80
CA LYS A 329 21.47 4.16 18.05
C LYS A 329 22.68 5.03 17.80
N GLU A 330 23.42 4.73 16.73
CA GLU A 330 24.58 5.55 16.37
C GLU A 330 24.19 6.98 16.02
N LEU A 331 22.91 7.19 15.70
CA LEU A 331 22.43 8.50 15.30
C LEU A 331 22.29 9.44 16.49
N GLU A 332 22.37 8.87 17.69
CA GLU A 332 22.17 9.62 18.93
CA GLU A 332 22.18 9.61 18.94
C GLU A 332 23.13 10.80 19.05
N ARG A 333 24.29 10.67 18.43
CA ARG A 333 25.33 11.69 18.52
C ARG A 333 25.06 12.92 17.67
N LEU A 334 24.03 12.85 16.82
CA LEU A 334 23.75 13.89 15.82
C LEU A 334 22.84 14.96 16.40
N ASN A 335 22.96 16.19 15.91
CA ASN A 335 22.07 17.26 16.35
C ASN A 335 20.79 17.19 15.52
N LYS A 336 20.04 16.12 15.75
CA LYS A 336 18.83 15.84 14.99
CA LYS A 336 18.85 15.80 14.97
C LYS A 336 17.76 15.37 15.97
N VAL A 337 16.51 15.71 15.70
CA VAL A 337 15.40 15.23 16.52
C VAL A 337 14.93 13.91 15.91
N ILE A 338 15.19 12.81 16.62
CA ILE A 338 14.96 11.47 16.08
C ILE A 338 13.93 10.76 16.96
N VAL A 339 12.84 10.31 16.32
CA VAL A 339 11.74 9.69 17.07
C VAL A 339 11.32 8.38 16.39
N PHE A 340 11.33 7.30 17.16
CA PHE A 340 10.86 6.02 16.65
C PHE A 340 9.58 5.66 17.42
N ILE A 341 8.56 5.19 16.71
CA ILE A 341 7.31 4.88 17.35
C ILE A 341 7.07 3.38 17.33
N THR A 342 6.72 2.79 18.46
CA THR A 342 6.55 1.33 18.50
C THR A 342 5.58 0.87 19.59
N HIS A 343 4.90 -0.24 19.35
CA HIS A 343 4.14 -0.92 20.38
C HIS A 343 4.99 -2.05 20.96
N ASP A 344 6.20 -2.21 20.44
CA ASP A 344 7.01 -3.41 20.65
C ASP A 344 8.11 -3.20 21.67
N ARG A 345 7.96 -3.79 22.85
CA ARG A 345 8.99 -3.69 23.87
C ARG A 345 10.37 -4.26 23.50
N GLU A 346 10.37 -5.29 22.65
CA GLU A 346 11.60 -5.93 22.22
C GLU A 346 12.50 -4.85 21.62
N PHE A 347 11.88 -3.93 20.88
CA PHE A 347 12.63 -2.83 20.25
C PHE A 347 12.83 -1.57 21.08
N SER A 348 11.81 -1.18 21.81
CA SER A 348 11.86 0.02 22.63
C SER A 348 12.90 -0.14 23.75
N GLU A 349 13.13 -1.38 24.16
CA GLU A 349 14.10 -1.66 25.23
C GLU A 349 15.54 -1.35 24.85
N ALA A 350 15.82 -1.31 23.55
CA ALA A 350 17.15 -0.99 23.06
C ALA A 350 17.55 0.47 23.27
N PHE A 351 16.58 1.32 23.57
CA PHE A 351 16.84 2.76 23.65
C PHE A 351 16.63 3.29 25.06
N ASP A 352 17.36 4.35 25.42
CA ASP A 352 17.30 4.90 26.77
C ASP A 352 16.05 5.74 27.00
N ARG A 353 15.81 6.71 26.13
CA ARG A 353 14.77 7.71 26.38
C ARG A 353 13.44 7.37 25.74
N LYS A 354 12.39 7.39 26.55
CA LYS A 354 11.08 6.95 26.10
C LYS A 354 10.02 8.01 26.37
N LEU A 355 8.99 8.00 25.54
CA LEU A 355 7.80 8.80 25.74
C LEU A 355 6.64 7.81 25.69
N ARG A 356 6.01 7.58 26.82
CA ARG A 356 4.95 6.58 26.87
C ARG A 356 3.57 7.21 26.72
N ILE A 357 2.75 6.61 25.87
CA ILE A 357 1.40 7.10 25.66
C ILE A 357 0.42 5.97 25.86
N THR A 358 -0.69 6.27 26.53
CA THR A 358 -1.77 5.30 26.70
CA THR A 358 -1.77 5.31 26.77
C THR A 358 -3.10 6.05 26.87
N GLY A 359 -4.15 5.52 26.24
CA GLY A 359 -5.46 6.16 26.29
C GLY A 359 -5.47 7.64 25.91
N GLY A 360 -4.61 8.03 24.97
CA GLY A 360 -4.65 9.37 24.43
C GLY A 360 -3.94 10.46 25.22
N VAL A 361 -3.22 10.06 26.26
CA VAL A 361 -2.37 10.99 27.00
C VAL A 361 -1.00 10.40 27.30
N VAL A 362 -0.08 11.27 27.71
CA VAL A 362 1.27 10.86 28.05
C VAL A 362 1.37 10.46 29.51
N VAL A 363 2.11 9.39 29.80
CA VAL A 363 2.24 8.88 31.16
C VAL A 363 3.68 8.63 31.60
N MET B 1 -11.62 -25.01 -1.79
CA MET B 1 -10.26 -25.29 -2.24
C MET B 1 -9.45 -25.79 -1.07
N ARG B 2 -9.18 -27.08 -1.09
CA ARG B 2 -8.50 -27.73 0.03
C ARG B 2 -7.13 -28.21 -0.44
N PRO B 3 -6.08 -27.45 -0.08
CA PRO B 3 -4.70 -27.82 -0.44
C PRO B 3 -4.36 -29.19 0.10
N GLU B 4 -3.71 -30.03 -0.70
CA GLU B 4 -3.31 -31.37 -0.25
C GLU B 4 -1.82 -31.63 -0.39
N ARG B 5 -1.22 -31.16 -1.47
CA ARG B 5 0.21 -31.35 -1.66
C ARG B 5 0.81 -30.23 -2.48
N LEU B 6 2.02 -29.82 -2.09
CA LEU B 6 2.75 -28.78 -2.81
C LEU B 6 4.21 -29.17 -2.94
N THR B 7 4.71 -29.22 -4.18
CA THR B 7 6.14 -29.35 -4.38
CA THR B 7 6.13 -29.40 -4.46
C THR B 7 6.65 -28.14 -5.16
N VAL B 8 7.82 -27.67 -4.75
CA VAL B 8 8.37 -26.46 -5.33
C VAL B 8 9.83 -26.72 -5.59
N ARG B 9 10.28 -26.33 -6.79
CA ARG B 9 11.69 -26.29 -7.08
C ARG B 9 12.04 -24.90 -7.65
N ASN B 10 13.09 -24.30 -7.10
CA ASN B 10 13.67 -23.09 -7.67
C ASN B 10 12.64 -22.01 -7.96
N PHE B 11 11.83 -21.68 -6.95
CA PHE B 11 10.80 -20.66 -7.08
C PHE B 11 11.01 -19.63 -5.97
N LEU B 12 11.17 -18.38 -6.39
CA LEU B 12 11.51 -17.30 -5.48
C LEU B 12 12.71 -17.71 -4.61
N GLY B 13 12.55 -17.67 -3.29
CA GLY B 13 13.66 -18.02 -2.40
C GLY B 13 13.72 -19.49 -2.00
N LEU B 14 12.89 -20.32 -2.63
CA LEU B 14 12.86 -21.75 -2.31
C LEU B 14 13.70 -22.56 -3.29
N LYS B 15 14.50 -23.47 -2.75
CA LYS B 15 15.26 -24.39 -3.58
C LYS B 15 14.45 -25.65 -3.85
N ASN B 16 14.03 -26.30 -2.78
CA ASN B 16 13.16 -27.47 -2.90
C ASN B 16 12.26 -27.60 -1.68
N VAL B 17 10.99 -27.83 -1.95
CA VAL B 17 10.02 -28.01 -0.89
C VAL B 17 9.05 -29.09 -1.31
N ASP B 18 8.65 -29.94 -0.36
CA ASP B 18 7.64 -30.96 -0.60
CA ASP B 18 7.62 -30.92 -0.61
C ASP B 18 6.78 -31.10 0.63
N ILE B 19 5.53 -30.68 0.55
CA ILE B 19 4.71 -30.72 1.75
C ILE B 19 3.33 -31.26 1.49
N GLU B 20 2.82 -31.97 2.48
CA GLU B 20 1.46 -32.43 2.50
C GLU B 20 0.77 -31.54 3.53
N PHE B 21 -0.39 -30.99 3.18
CA PHE B 21 -1.15 -30.14 4.10
C PHE B 21 -2.13 -30.98 4.92
N GLN B 22 -2.52 -30.46 6.09
CA GLN B 22 -3.48 -31.14 6.98
C GLN B 22 -4.57 -30.17 7.37
N SER B 23 -5.76 -30.68 7.74
CA SER B 23 -6.81 -29.78 8.23
C SER B 23 -6.41 -29.31 9.63
N GLY B 24 -7.05 -28.24 10.09
CA GLY B 24 -6.66 -27.62 11.34
C GLY B 24 -5.51 -26.64 11.11
N ILE B 25 -4.84 -26.24 12.18
CA ILE B 25 -3.87 -25.15 12.12
C ILE B 25 -2.43 -25.61 12.08
N THR B 26 -1.67 -25.04 11.13
CA THR B 26 -0.22 -25.19 11.13
C THR B 26 0.42 -23.81 11.08
N VAL B 27 1.46 -23.59 11.90
CA VAL B 27 2.21 -22.35 11.83
C VAL B 27 3.52 -22.57 11.06
N VAL B 28 3.74 -21.73 10.05
CA VAL B 28 5.01 -21.75 9.32
C VAL B 28 5.86 -20.62 9.89
N GLU B 29 6.98 -21.00 10.49
CA GLU B 29 7.82 -20.02 11.19
C GLU B 29 9.23 -19.96 10.58
N GLY B 30 9.81 -18.77 10.53
CA GLY B 30 11.13 -18.62 9.94
C GLY B 30 11.56 -17.15 9.96
N PRO B 31 12.86 -16.90 9.82
CA PRO B 31 13.45 -15.56 9.84
C PRO B 31 13.22 -14.82 8.53
N ASN B 32 13.65 -13.57 8.49
CA ASN B 32 13.56 -12.79 7.27
C ASN B 32 14.32 -13.46 6.14
N GLY B 33 13.73 -13.46 4.95
CA GLY B 33 14.40 -14.05 3.79
C GLY B 33 14.50 -15.58 3.75
N ALA B 34 13.72 -16.25 4.59
CA ALA B 34 13.76 -17.72 4.71
C ALA B 34 13.09 -18.44 3.55
N GLY B 35 12.00 -17.88 3.04
CA GLY B 35 11.22 -18.54 2.02
C GLY B 35 9.76 -18.73 2.40
N LYS B 36 9.31 -18.08 3.46
CA LYS B 36 7.93 -18.26 3.93
C LYS B 36 6.93 -17.73 2.90
N SER B 37 7.08 -16.44 2.55
CA SER B 37 6.18 -15.83 1.58
C SER B 37 6.38 -16.48 0.21
N SER B 38 7.56 -17.02 -0.03
CA SER B 38 7.82 -17.71 -1.30
C SER B 38 6.88 -18.90 -1.43
N LEU B 39 6.67 -19.61 -0.31
CA LEU B 39 5.76 -20.75 -0.26
CA LEU B 39 5.75 -20.74 -0.27
C LEU B 39 4.32 -20.29 -0.52
N PHE B 40 3.94 -19.21 0.14
CA PHE B 40 2.60 -18.61 -0.02
C PHE B 40 2.36 -18.27 -1.50
N GLU B 41 3.34 -17.61 -2.12
CA GLU B 41 3.18 -17.20 -3.51
C GLU B 41 3.26 -18.37 -4.50
N ALA B 42 3.95 -19.44 -4.12
CA ALA B 42 3.97 -20.64 -4.95
C ALA B 42 2.56 -21.22 -5.12
N ILE B 43 1.77 -21.18 -4.05
CA ILE B 43 0.40 -21.67 -4.12
C ILE B 43 -0.45 -20.77 -5.00
N SER B 44 -0.35 -19.46 -4.79
CA SER B 44 -1.01 -18.47 -5.63
C SER B 44 -0.68 -18.67 -7.12
N PHE B 45 0.61 -18.80 -7.41
CA PHE B 45 1.07 -18.96 -8.78
C PHE B 45 0.59 -20.30 -9.35
N ALA B 46 0.69 -21.37 -8.57
CA ALA B 46 0.23 -22.67 -9.08
C ALA B 46 -1.24 -22.59 -9.53
N LEU B 47 -2.10 -22.02 -8.69
CA LEU B 47 -3.53 -21.88 -9.03
C LEU B 47 -3.83 -20.91 -10.18
N PHE B 48 -3.39 -19.66 -10.03
CA PHE B 48 -3.88 -18.57 -10.87
C PHE B 48 -2.86 -18.08 -11.88
N GLY B 49 -1.65 -18.62 -11.83
CA GLY B 49 -0.63 -18.22 -12.81
C GLY B 49 0.09 -16.93 -12.48
N ASN B 50 -0.25 -16.33 -11.35
CA ASN B 50 0.48 -15.15 -10.91
C ASN B 50 0.71 -15.16 -9.41
N GLY B 51 1.81 -14.54 -8.98
CA GLY B 51 2.13 -14.43 -7.56
C GLY B 51 1.65 -13.09 -7.06
N ILE B 52 2.33 -12.57 -6.03
CA ILE B 52 2.02 -11.27 -5.45
C ILE B 52 3.05 -10.18 -5.79
N ARG B 53 4.33 -10.48 -5.62
CA ARG B 53 5.35 -9.43 -5.66
C ARG B 53 5.85 -8.97 -7.04
N TYR B 54 5.71 -9.82 -8.06
CA TYR B 54 6.21 -9.49 -9.40
C TYR B 54 5.11 -9.56 -10.46
N PRO B 55 5.06 -8.55 -11.33
CA PRO B 55 4.11 -8.58 -12.45
C PRO B 55 4.56 -9.56 -13.54
N ASN B 56 5.86 -9.80 -13.65
CA ASN B 56 6.39 -10.67 -14.71
C ASN B 56 6.67 -12.10 -14.22
N SER B 57 6.03 -13.08 -14.87
CA SER B 57 6.16 -14.50 -14.47
C SER B 57 7.60 -14.99 -14.34
N TYR B 58 8.48 -14.52 -15.22
CA TYR B 58 9.85 -15.04 -15.24
C TYR B 58 10.67 -14.56 -14.04
N ASP B 59 10.19 -13.50 -13.41
CA ASP B 59 10.83 -12.99 -12.21
C ASP B 59 10.72 -13.95 -11.02
N TYR B 60 9.79 -14.90 -11.09
CA TYR B 60 9.57 -15.85 -9.97
C TYR B 60 10.58 -16.99 -9.96
N VAL B 61 11.27 -17.18 -11.06
CA VAL B 61 12.30 -18.22 -11.09
C VAL B 61 13.43 -17.84 -10.13
N ASN B 62 13.81 -18.78 -9.26
CA ASN B 62 14.93 -18.58 -8.36
C ASN B 62 16.20 -18.31 -9.18
N ARG B 63 16.75 -17.11 -9.04
CA ARG B 63 17.85 -16.67 -9.89
C ARG B 63 19.15 -17.42 -9.62
N ASN B 64 19.17 -18.21 -8.55
CA ASN B 64 20.36 -19.00 -8.23
C ASN B 64 20.38 -20.36 -8.90
N ALA B 65 19.26 -20.73 -9.49
CA ALA B 65 19.12 -22.03 -10.15
C ALA B 65 19.96 -22.12 -11.42
N VAL B 66 20.80 -23.14 -11.50
CA VAL B 66 21.61 -23.35 -12.69
C VAL B 66 20.75 -23.54 -13.95
N ASP B 67 19.66 -24.30 -13.82
CA ASP B 67 18.83 -24.62 -15.00
C ASP B 67 17.82 -23.53 -15.31
N GLY B 68 17.79 -22.50 -14.47
CA GLY B 68 16.89 -21.38 -14.66
C GLY B 68 15.43 -21.77 -14.83
N THR B 69 15.00 -22.83 -14.16
CA THR B 69 13.62 -23.27 -14.29
CA THR B 69 13.63 -23.31 -14.30
C THR B 69 12.96 -23.55 -12.94
N ALA B 70 11.77 -22.98 -12.77
CA ALA B 70 10.99 -23.21 -11.56
C ALA B 70 10.03 -24.34 -11.89
N ARG B 71 9.79 -25.21 -10.90
CA ARG B 71 8.78 -26.24 -11.05
C ARG B 71 7.81 -26.22 -9.86
N LEU B 72 6.52 -26.32 -10.18
CA LEU B 72 5.47 -26.34 -9.17
C LEU B 72 4.56 -27.52 -9.42
N VAL B 73 4.23 -28.27 -8.37
CA VAL B 73 3.17 -29.26 -8.43
C VAL B 73 2.22 -29.00 -7.28
N PHE B 74 0.93 -28.80 -7.57
CA PHE B 74 -0.02 -28.47 -6.51
C PHE B 74 -1.27 -29.30 -6.67
N GLN B 75 -1.62 -30.01 -5.61
CA GLN B 75 -2.79 -30.86 -5.61
C GLN B 75 -3.79 -30.32 -4.62
N PHE B 76 -5.06 -30.27 -5.02
CA PHE B 76 -6.09 -29.79 -4.12
C PHE B 76 -7.39 -30.52 -4.39
N GLU B 77 -8.30 -30.42 -3.43
CA GLU B 77 -9.63 -31.00 -3.58
CA GLU B 77 -9.63 -31.01 -3.55
C GLU B 77 -10.66 -29.90 -3.52
N ARG B 78 -11.73 -30.06 -4.28
CA ARG B 78 -12.82 -29.10 -4.29
C ARG B 78 -14.09 -29.84 -4.68
N GLY B 79 -15.08 -29.85 -3.80
CA GLY B 79 -16.37 -30.43 -4.10
C GLY B 79 -16.33 -31.93 -4.34
N GLY B 80 -15.43 -32.62 -3.66
CA GLY B 80 -15.31 -34.07 -3.79
C GLY B 80 -14.44 -34.53 -4.94
N LYS B 81 -14.00 -33.60 -5.77
CA LYS B 81 -13.09 -33.93 -6.87
C LYS B 81 -11.67 -33.46 -6.54
N ARG B 82 -10.69 -34.18 -7.06
CA ARG B 82 -9.29 -33.92 -6.76
C ARG B 82 -8.53 -33.50 -8.02
N TYR B 83 -7.70 -32.46 -7.90
CA TYR B 83 -7.01 -31.90 -9.06
C TYR B 83 -5.52 -31.75 -8.82
N GLU B 84 -4.74 -31.83 -9.90
CA GLU B 84 -3.30 -31.60 -9.84
C GLU B 84 -2.85 -30.62 -10.91
N ILE B 85 -2.09 -29.63 -10.49
CA ILE B 85 -1.52 -28.66 -11.41
C ILE B 85 -0.02 -28.84 -11.42
N ILE B 86 0.57 -28.84 -12.62
CA ILE B 86 2.01 -28.89 -12.76
C ILE B 86 2.47 -27.72 -13.61
N ARG B 87 3.45 -26.97 -13.12
CA ARG B 87 3.97 -25.85 -13.91
C ARG B 87 5.48 -25.90 -13.99
N GLU B 88 6.00 -25.41 -15.13
CA GLU B 88 7.42 -25.19 -15.29
C GLU B 88 7.62 -23.81 -15.92
N ILE B 89 8.41 -22.99 -15.25
CA ILE B 89 8.71 -21.66 -15.75
C ILE B 89 10.20 -21.61 -16.06
N ASN B 90 10.54 -21.46 -17.33
CA ASN B 90 11.94 -21.37 -17.74
C ASN B 90 12.30 -19.92 -18.07
N ALA B 91 13.10 -19.30 -17.21
CA ALA B 91 13.44 -17.90 -17.39
C ALA B 91 14.44 -17.73 -18.53
N LEU B 92 15.24 -18.77 -18.78
CA LEU B 92 16.22 -18.72 -19.85
C LEU B 92 15.53 -18.67 -21.23
N GLN B 93 14.67 -19.63 -21.50
CA GLN B 93 13.97 -19.73 -22.78
C GLN B 93 12.68 -18.93 -22.80
N ARG B 94 12.40 -18.25 -21.70
CA ARG B 94 11.13 -17.54 -21.53
C ARG B 94 9.95 -18.37 -22.01
N LYS B 95 9.82 -19.56 -21.45
CA LYS B 95 8.68 -20.43 -21.72
C LYS B 95 7.96 -20.75 -20.42
N HIS B 96 6.65 -20.84 -20.50
CA HIS B 96 5.83 -21.17 -19.34
C HIS B 96 4.87 -22.30 -19.69
N ASN B 97 5.15 -23.50 -19.18
CA ASN B 97 4.30 -24.66 -19.39
C ASN B 97 3.40 -24.91 -18.17
N ALA B 98 2.18 -25.36 -18.43
CA ALA B 98 1.20 -25.58 -17.35
C ALA B 98 0.25 -26.66 -17.76
N LYS B 99 -0.13 -27.52 -16.81
CA LYS B 99 -1.15 -28.51 -17.06
C LYS B 99 -2.00 -28.72 -15.82
N LEU B 100 -3.25 -29.04 -16.06
CA LEU B 100 -4.23 -29.29 -15.02
C LEU B 100 -4.88 -30.63 -15.32
N SER B 101 -4.96 -31.49 -14.31
CA SER B 101 -5.60 -32.80 -14.45
C SER B 101 -6.54 -33.04 -13.28
N GLU B 102 -7.56 -33.87 -13.50
CA GLU B 102 -8.35 -34.42 -12.40
C GLU B 102 -7.77 -35.77 -12.02
N ILE B 103 -7.61 -35.98 -10.72
CA ILE B 103 -7.17 -37.28 -10.22
C ILE B 103 -8.41 -38.09 -9.89
N LEU B 104 -8.60 -39.15 -10.65
CA LEU B 104 -9.76 -40.01 -10.52
C LEU B 104 -9.60 -40.94 -9.32
N GLU B 105 -10.70 -41.58 -8.92
CA GLU B 105 -10.67 -42.52 -7.80
C GLU B 105 -9.49 -43.49 -7.88
N ASN B 106 -9.27 -44.06 -9.07
CA ASN B 106 -8.24 -45.08 -9.24
C ASN B 106 -6.84 -44.53 -9.38
N GLY B 107 -6.69 -43.23 -9.18
CA GLY B 107 -5.37 -42.62 -9.22
C GLY B 107 -4.87 -42.21 -10.60
N LYS B 108 -5.66 -42.48 -11.64
CA LYS B 108 -5.30 -42.02 -12.97
C LYS B 108 -5.62 -40.53 -13.12
N LYS B 109 -4.83 -39.84 -13.93
CA LYS B 109 -4.98 -38.40 -14.13
C LYS B 109 -5.60 -38.06 -15.49
N ALA B 110 -6.85 -37.61 -15.47
CA ALA B 110 -7.49 -37.15 -16.70
C ALA B 110 -7.12 -35.70 -17.00
N ALA B 111 -6.52 -35.49 -18.18
CA ALA B 111 -6.03 -34.17 -18.57
C ALA B 111 -7.19 -33.20 -18.83
N ILE B 112 -7.08 -32.00 -18.28
CA ILE B 112 -8.13 -30.99 -18.46
C ILE B 112 -7.66 -29.81 -19.31
N ALA B 113 -6.44 -29.34 -19.05
CA ALA B 113 -5.91 -28.18 -19.75
C ALA B 113 -4.39 -28.25 -19.81
N ALA B 114 -3.80 -27.56 -20.77
CA ALA B 114 -2.35 -27.71 -20.97
C ALA B 114 -1.60 -26.45 -21.41
N LYS B 115 -2.22 -25.29 -21.23
CA LYS B 115 -1.57 -24.00 -21.45
CA LYS B 115 -1.52 -24.03 -21.41
C LYS B 115 -1.89 -23.09 -20.27
N PRO B 116 -0.97 -22.19 -19.91
CA PRO B 116 -1.22 -21.28 -18.77
C PRO B 116 -2.57 -20.60 -18.85
N THR B 117 -2.93 -20.06 -20.01
CA THR B 117 -4.21 -19.39 -20.18
CA THR B 117 -4.20 -19.37 -20.14
C THR B 117 -5.38 -20.29 -19.83
N SER B 118 -5.37 -21.49 -20.39
CA SER B 118 -6.47 -22.44 -20.19
C SER B 118 -6.51 -23.02 -18.79
N VAL B 119 -5.35 -23.26 -18.20
CA VAL B 119 -5.30 -23.75 -16.82
C VAL B 119 -5.92 -22.71 -15.88
N LYS B 120 -5.52 -21.45 -16.05
CA LYS B 120 -6.07 -20.36 -15.25
C LYS B 120 -7.59 -20.26 -15.39
N GLN B 121 -8.10 -20.38 -16.61
CA GLN B 121 -9.54 -20.29 -16.82
C GLN B 121 -10.28 -21.47 -16.20
N GLU B 122 -9.66 -22.64 -16.26
CA GLU B 122 -10.30 -23.83 -15.76
C GLU B 122 -10.27 -23.84 -14.23
N VAL B 123 -9.17 -23.40 -13.65
CA VAL B 123 -9.10 -23.21 -12.19
C VAL B 123 -10.17 -22.23 -11.68
N GLU B 124 -10.34 -21.11 -12.37
CA GLU B 124 -11.34 -20.12 -11.97
C GLU B 124 -12.74 -20.72 -12.02
N LYS B 125 -12.98 -21.58 -13.01
CA LYS B 125 -14.25 -22.27 -13.15
C LYS B 125 -14.47 -23.31 -12.05
N ILE B 126 -13.44 -24.06 -11.70
CA ILE B 126 -13.52 -25.05 -10.61
C ILE B 126 -13.77 -24.37 -9.27
N LEU B 127 -13.05 -23.28 -9.00
CA LEU B 127 -13.14 -22.61 -7.70
C LEU B 127 -14.29 -21.61 -7.69
N GLY B 128 -14.62 -21.11 -8.86
CA GLY B 128 -15.67 -20.11 -9.01
C GLY B 128 -15.27 -18.75 -8.48
N ILE B 129 -13.97 -18.50 -8.36
CA ILE B 129 -13.49 -17.18 -7.95
C ILE B 129 -12.27 -16.76 -8.76
N GLU B 130 -11.99 -15.47 -8.82
CA GLU B 130 -10.76 -15.01 -9.47
C GLU B 130 -9.66 -14.73 -8.45
N HIS B 131 -8.46 -14.50 -8.97
CA HIS B 131 -7.26 -14.33 -8.15
C HIS B 131 -7.42 -13.24 -7.08
N ARG B 132 -7.85 -12.05 -7.46
CA ARG B 132 -8.02 -10.97 -6.49
C ARG B 132 -8.93 -11.36 -5.33
N THR B 133 -10.04 -12.02 -5.64
CA THR B 133 -10.98 -12.47 -4.62
C THR B 133 -10.29 -13.38 -3.59
N PHE B 134 -9.53 -14.34 -4.10
CA PHE B 134 -8.84 -15.30 -3.24
C PHE B 134 -7.93 -14.54 -2.26
N ILE B 135 -7.13 -13.61 -2.76
CA ILE B 135 -6.12 -12.95 -1.91
C ILE B 135 -6.69 -11.84 -1.01
N ARG B 136 -7.89 -11.38 -1.29
CA ARG B 136 -8.49 -10.34 -0.44
CA ARG B 136 -8.50 -10.33 -0.45
C ARG B 136 -9.29 -10.97 0.69
N THR B 137 -9.63 -12.25 0.55
CA THR B 137 -10.57 -12.88 1.48
C THR B 137 -9.94 -13.89 2.45
N VAL B 138 -9.44 -14.99 1.91
CA VAL B 138 -8.95 -16.08 2.77
C VAL B 138 -7.48 -16.47 2.59
N PHE B 139 -6.78 -15.82 1.67
CA PHE B 139 -5.39 -16.17 1.39
C PHE B 139 -4.64 -14.83 1.38
N LEU B 140 -4.33 -14.35 2.59
CA LEU B 140 -3.97 -12.96 2.80
CA LEU B 140 -3.97 -12.95 2.82
C LEU B 140 -2.46 -12.70 2.77
N PRO B 141 -2.01 -11.91 1.77
CA PRO B 141 -0.59 -11.65 1.58
C PRO B 141 0.00 -10.69 2.61
N GLN B 142 1.31 -10.80 2.77
CA GLN B 142 2.05 -9.98 3.74
C GLN B 142 1.93 -8.51 3.38
N GLY B 143 1.53 -7.70 4.36
CA GLY B 143 1.35 -6.27 4.15
C GLY B 143 -0.01 -5.91 3.56
N GLU B 144 -0.82 -6.91 3.24
CA GLU B 144 -2.11 -6.64 2.61
C GLU B 144 -3.29 -7.19 3.40
N ILE B 145 -3.09 -7.51 4.66
CA ILE B 145 -4.15 -8.13 5.44
C ILE B 145 -5.43 -7.28 5.47
N ASP B 146 -5.26 -5.95 5.51
CA ASP B 146 -6.43 -5.07 5.71
C ASP B 146 -7.01 -4.52 4.41
N LYS B 147 -6.59 -5.06 3.27
CA LYS B 147 -7.01 -4.47 2.00
C LYS B 147 -8.52 -4.54 1.73
N LEU B 148 -9.13 -5.70 2.00
CA LEU B 148 -10.59 -5.81 1.95
C LEU B 148 -11.29 -4.83 2.90
N LEU B 149 -10.81 -4.79 4.14
CA LEU B 149 -11.44 -3.90 5.14
C LEU B 149 -11.52 -2.44 4.71
N ILE B 150 -10.48 -1.95 4.05
CA ILE B 150 -10.44 -0.52 3.66
C ILE B 150 -10.83 -0.27 2.20
N SER B 151 -11.33 -1.31 1.51
CA SER B 151 -11.73 -1.17 0.11
C SER B 151 -13.00 -0.35 -0.06
N PRO B 152 -13.14 0.30 -1.23
CA PRO B 152 -14.38 1.01 -1.53
C PRO B 152 -15.53 0.03 -1.78
N PRO B 153 -16.78 0.47 -1.59
CA PRO B 153 -17.94 -0.41 -1.66
C PRO B 153 -18.04 -1.20 -2.97
N SER B 154 -17.69 -0.60 -4.09
CA SER B 154 -17.80 -1.32 -5.36
C SER B 154 -16.85 -2.53 -5.42
N GLU B 155 -15.66 -2.38 -4.87
CA GLU B 155 -14.70 -3.48 -4.85
C GLU B 155 -15.09 -4.56 -3.83
N ILE B 156 -15.60 -4.13 -2.68
CA ILE B 156 -16.10 -5.09 -1.70
C ILE B 156 -17.18 -5.94 -2.33
N THR B 157 -18.09 -5.29 -3.08
CA THR B 157 -19.17 -6.01 -3.73
C THR B 157 -18.65 -7.03 -4.73
N GLU B 158 -17.72 -6.60 -5.60
CA GLU B 158 -17.14 -7.50 -6.59
C GLU B 158 -16.51 -8.71 -5.90
N ILE B 159 -15.79 -8.46 -4.82
CA ILE B 159 -15.06 -9.52 -4.10
C ILE B 159 -15.99 -10.50 -3.37
N ILE B 160 -16.89 -9.97 -2.54
CA ILE B 160 -17.83 -10.79 -1.77
C ILE B 160 -18.80 -11.59 -2.65
N SER B 161 -19.38 -10.93 -3.64
CA SER B 161 -20.25 -11.66 -4.57
C SER B 161 -19.51 -12.80 -5.27
N ASP B 162 -18.25 -12.55 -5.63
CA ASP B 162 -17.43 -13.55 -6.31
C ASP B 162 -17.17 -14.77 -5.43
N VAL B 163 -17.00 -14.55 -4.13
CA VAL B 163 -16.73 -15.67 -3.25
C VAL B 163 -17.86 -16.68 -3.34
N PHE B 164 -19.10 -16.18 -3.39
CA PHE B 164 -20.24 -17.06 -3.22
C PHE B 164 -21.00 -17.37 -4.53
N GLN B 165 -20.43 -16.93 -5.64
CA GLN B 165 -21.01 -17.19 -6.96
C GLN B 165 -19.95 -17.15 -8.06
N SER B 166 -19.99 -18.14 -8.96
CA SER B 166 -19.03 -18.17 -10.06
C SER B 166 -19.29 -17.09 -11.10
N LYS B 167 -18.24 -16.36 -11.47
CA LYS B 167 -18.34 -15.32 -12.50
C LYS B 167 -18.43 -15.92 -13.91
N GLU B 168 -17.88 -17.11 -14.07
CA GLU B 168 -17.96 -17.82 -15.34
C GLU B 168 -19.40 -18.23 -15.62
N THR B 169 -20.10 -18.67 -14.58
CA THR B 169 -21.52 -18.98 -14.71
C THR B 169 -22.31 -17.75 -15.13
N LEU B 170 -22.06 -16.62 -14.48
CA LEU B 170 -22.78 -15.40 -14.83
CA LEU B 170 -22.74 -15.37 -14.82
C LEU B 170 -22.46 -14.94 -16.24
N GLU B 171 -21.21 -15.15 -16.68
CA GLU B 171 -20.82 -14.75 -18.02
C GLU B 171 -21.53 -15.60 -19.06
N LYS B 172 -21.60 -16.92 -18.80
CA LYS B 172 -22.29 -17.83 -19.70
C LYS B 172 -23.77 -17.47 -19.80
N LEU B 173 -24.41 -17.25 -18.66
CA LEU B 173 -25.82 -16.86 -18.60
C LEU B 173 -26.07 -15.56 -19.35
N GLU B 174 -25.27 -14.53 -19.08
CA GLU B 174 -25.47 -13.24 -19.74
C GLU B 174 -25.28 -13.38 -21.25
N LYS B 175 -24.31 -14.19 -21.64
CA LYS B 175 -24.04 -14.42 -23.06
C LYS B 175 -25.20 -15.16 -23.73
N LEU B 176 -25.70 -16.20 -23.09
CA LEU B 176 -26.81 -16.97 -23.63
C LEU B 176 -28.07 -16.10 -23.71
N LEU B 177 -28.31 -15.31 -22.68
CA LEU B 177 -29.44 -14.40 -22.68
C LEU B 177 -29.36 -13.45 -23.88
N LYS B 178 -28.18 -12.84 -24.08
CA LYS B 178 -28.01 -11.93 -25.20
C LYS B 178 -28.19 -12.64 -26.56
N GLU B 179 -27.72 -13.87 -26.64
CA GLU B 179 -27.88 -14.63 -27.88
C GLU B 179 -29.34 -14.96 -28.17
N LYS B 180 -30.11 -15.29 -27.14
CA LYS B 180 -31.56 -15.48 -27.29
C LYS B 180 -32.24 -14.22 -27.81
N MET B 181 -31.89 -13.09 -27.22
CA MET B 181 -32.50 -11.84 -27.62
C MET B 181 -32.17 -11.52 -29.08
N LYS B 182 -30.92 -11.72 -29.47
CA LYS B 182 -30.50 -11.39 -30.84
C LYS B 182 -31.18 -12.32 -31.86
N LYS B 183 -31.38 -13.57 -31.48
CA LYS B 183 -32.11 -14.51 -32.33
C LYS B 183 -33.57 -14.08 -32.48
N LEU B 184 -34.22 -13.69 -31.38
CA LEU B 184 -35.59 -13.20 -31.49
C LEU B 184 -35.64 -11.90 -32.28
N GLU B 185 -34.64 -11.06 -32.09
CA GLU B 185 -34.62 -9.78 -32.79
C GLU B 185 -34.66 -10.05 -34.28
N ASN B 186 -33.87 -11.02 -34.72
CA ASN B 186 -33.81 -11.35 -36.13
CA ASN B 186 -33.79 -11.43 -36.13
C ASN B 186 -35.11 -11.97 -36.64
N GLU B 187 -35.64 -12.95 -35.91
CA GLU B 187 -36.88 -13.62 -36.29
C GLU B 187 -38.03 -12.61 -36.38
N ILE B 188 -38.07 -11.66 -35.46
CA ILE B 188 -39.09 -10.61 -35.46
C ILE B 188 -38.93 -9.69 -36.66
N SER B 189 -37.69 -9.31 -36.97
CA SER B 189 -37.43 -8.46 -38.14
C SER B 189 -37.93 -9.06 -39.44
N SER B 190 -37.98 -10.39 -39.52
CA SER B 190 -38.40 -11.06 -40.75
C SER B 190 -39.85 -11.53 -40.66
N LEU B 200 -49.97 -15.45 -36.56
CA LEU B 200 -49.93 -14.24 -37.37
C LEU B 200 -49.33 -13.07 -36.60
N GLU B 201 -50.10 -12.00 -36.46
CA GLU B 201 -49.74 -10.90 -35.59
C GLU B 201 -49.57 -11.44 -34.18
N LYS B 202 -50.31 -12.48 -33.83
CA LYS B 202 -50.24 -13.03 -32.49
C LYS B 202 -48.85 -13.63 -32.22
N LYS B 203 -48.26 -14.23 -33.24
CA LYS B 203 -46.93 -14.84 -33.14
C LYS B 203 -45.86 -13.78 -32.87
N LEU B 204 -45.89 -12.71 -33.66
CA LEU B 204 -45.01 -11.57 -33.48
C LEU B 204 -45.12 -10.95 -32.08
N LYS B 205 -46.35 -10.83 -31.58
CA LYS B 205 -46.55 -10.26 -30.25
C LYS B 205 -45.92 -11.17 -29.19
N GLU B 206 -46.07 -12.47 -29.37
CA GLU B 206 -45.54 -13.43 -28.40
C GLU B 206 -44.01 -13.37 -28.39
N MET B 207 -43.41 -13.26 -29.57
CA MET B 207 -41.95 -13.13 -29.68
C MET B 207 -41.50 -11.81 -29.07
N SER B 208 -42.25 -10.74 -29.32
CA SER B 208 -41.93 -9.44 -28.75
CA SER B 208 -41.94 -9.43 -28.75
C SER B 208 -41.99 -9.47 -27.22
N ASP B 209 -42.97 -10.19 -26.68
CA ASP B 209 -43.11 -10.31 -25.23
C ASP B 209 -41.91 -11.11 -24.68
N GLU B 210 -41.54 -12.19 -25.37
CA GLU B 210 -40.41 -13.00 -24.93
CA GLU B 210 -40.41 -12.99 -24.94
C GLU B 210 -39.14 -12.15 -24.95
N TYR B 211 -38.96 -11.38 -26.02
CA TYR B 211 -37.80 -10.51 -26.13
C TYR B 211 -37.77 -9.55 -24.94
N ASN B 212 -38.91 -8.92 -24.66
CA ASN B 212 -38.99 -7.95 -23.58
C ASN B 212 -38.81 -8.56 -22.19
N ASN B 213 -39.26 -9.80 -22.02
CA ASN B 213 -39.07 -10.51 -20.75
C ASN B 213 -37.60 -10.86 -20.52
N LEU B 214 -36.93 -11.35 -21.56
CA LEU B 214 -35.49 -11.59 -21.48
C LEU B 214 -34.76 -10.30 -21.13
N ASP B 215 -35.15 -9.20 -21.77
CA ASP B 215 -34.47 -7.93 -21.57
C ASP B 215 -34.67 -7.49 -20.12
N LEU B 216 -35.89 -7.65 -19.61
CA LEU B 216 -36.19 -7.24 -18.24
C LEU B 216 -35.46 -8.12 -17.23
N LEU B 217 -35.45 -9.43 -17.46
CA LEU B 217 -34.68 -10.36 -16.63
C LEU B 217 -33.23 -9.93 -16.63
N ARG B 218 -32.72 -9.60 -17.82
CA ARG B 218 -31.35 -9.16 -17.96
C ARG B 218 -31.05 -7.92 -17.12
N LYS B 219 -31.97 -6.96 -17.13
CA LYS B 219 -31.78 -5.72 -16.39
C LYS B 219 -31.73 -6.01 -14.89
N TYR B 220 -32.65 -6.83 -14.41
CA TYR B 220 -32.69 -7.14 -12.98
C TYR B 220 -31.42 -7.85 -12.55
N LEU B 221 -30.97 -8.82 -13.35
CA LEU B 221 -29.80 -9.63 -13.02
C LEU B 221 -28.49 -8.85 -13.07
N PHE B 222 -28.37 -7.94 -14.04
CA PHE B 222 -27.06 -7.36 -14.35
C PHE B 222 -26.95 -5.84 -14.26
N ASP B 223 -28.01 -5.11 -14.56
CA ASP B 223 -27.89 -3.65 -14.66
C ASP B 223 -27.29 -2.98 -13.42
N LYS B 224 -26.29 -2.13 -13.65
CA LYS B 224 -25.66 -1.32 -12.62
C LYS B 224 -25.17 -2.14 -11.41
N SER B 225 -25.00 -3.44 -11.60
CA SER B 225 -24.62 -4.32 -10.50
C SER B 225 -25.57 -4.20 -9.32
N ASN B 226 -26.83 -3.80 -9.58
CA ASN B 226 -27.82 -3.71 -8.51
C ASN B 226 -27.99 -5.00 -7.71
N PHE B 227 -28.20 -6.12 -8.39
CA PHE B 227 -28.43 -7.37 -7.65
C PHE B 227 -27.18 -7.84 -6.96
N SER B 228 -26.02 -7.64 -7.59
CA SER B 228 -24.77 -8.04 -6.95
C SER B 228 -24.55 -7.25 -5.66
N ARG B 229 -24.88 -5.96 -5.67
CA ARG B 229 -24.78 -5.13 -4.47
CA ARG B 229 -24.77 -5.15 -4.48
C ARG B 229 -25.69 -5.69 -3.39
N TYR B 230 -26.91 -6.06 -3.79
CA TYR B 230 -27.88 -6.63 -2.88
C TYR B 230 -27.38 -7.95 -2.27
N PHE B 231 -26.91 -8.83 -3.13
CA PHE B 231 -26.41 -10.14 -2.70
C PHE B 231 -25.25 -10.00 -1.70
N THR B 232 -24.32 -9.10 -1.99
CA THR B 232 -23.23 -8.80 -1.05
C THR B 232 -23.80 -8.34 0.31
N GLY B 233 -24.79 -7.47 0.29
CA GLY B 233 -25.41 -7.05 1.54
C GLY B 233 -25.92 -8.22 2.37
N ARG B 234 -26.58 -9.17 1.71
CA ARG B 234 -27.11 -10.35 2.39
C ARG B 234 -26.02 -11.27 2.92
N VAL B 235 -24.99 -11.49 2.11
CA VAL B 235 -23.87 -12.30 2.55
C VAL B 235 -23.23 -11.66 3.77
N LEU B 236 -23.02 -10.34 3.70
CA LEU B 236 -22.35 -9.64 4.80
C LEU B 236 -23.16 -9.62 6.08
N GLU B 237 -24.49 -9.73 5.98
CA GLU B 237 -25.28 -9.90 7.18
C GLU B 237 -24.81 -11.13 7.96
N ALA B 238 -24.67 -12.25 7.27
CA ALA B 238 -24.21 -13.49 7.87
C ALA B 238 -22.76 -13.41 8.33
N VAL B 239 -21.90 -12.81 7.49
CA VAL B 239 -20.48 -12.77 7.80
C VAL B 239 -20.23 -11.83 8.99
N LEU B 240 -20.86 -10.67 8.97
CA LEU B 240 -20.61 -9.68 10.03
C LEU B 240 -21.25 -10.07 11.36
N LYS B 241 -22.24 -10.96 11.34
CA LYS B 241 -22.82 -11.45 12.59
C LYS B 241 -21.72 -12.21 13.31
N ARG B 242 -21.01 -13.05 12.58
CA ARG B 242 -19.88 -13.78 13.14
C ARG B 242 -18.78 -12.82 13.55
N THR B 243 -18.51 -11.84 12.69
CA THR B 243 -17.41 -10.91 12.98
C THR B 243 -17.70 -10.15 14.28
N LYS B 244 -18.95 -9.73 14.44
CA LYS B 244 -19.36 -9.00 15.63
C LYS B 244 -19.15 -9.84 16.90
N ALA B 245 -19.46 -11.13 16.82
CA ALA B 245 -19.26 -12.03 17.94
C ALA B 245 -17.78 -12.17 18.31
N TYR B 246 -16.92 -12.24 17.30
CA TYR B 246 -15.47 -12.29 17.54
C TYR B 246 -14.97 -10.99 18.15
N LEU B 247 -15.43 -9.86 17.62
CA LEU B 247 -15.05 -8.57 18.16
C LEU B 247 -15.48 -8.44 19.63
N ASP B 248 -16.67 -8.93 19.94
CA ASP B 248 -17.15 -8.93 21.32
CA ASP B 248 -17.15 -8.90 21.31
C ASP B 248 -16.18 -9.63 22.24
N ILE B 249 -15.79 -10.85 21.85
CA ILE B 249 -14.83 -11.67 22.59
C ILE B 249 -13.46 -11.02 22.71
N LEU B 250 -12.99 -10.47 21.59
CA LEU B 250 -11.66 -9.85 21.52
C LEU B 250 -11.54 -8.53 22.28
N THR B 251 -12.60 -7.73 22.26
CA THR B 251 -12.49 -6.33 22.66
C THR B 251 -13.47 -5.96 23.75
N ASN B 252 -14.04 -6.98 24.39
CA ASN B 252 -14.93 -6.76 25.53
C ASN B 252 -16.08 -5.83 25.16
N GLY B 253 -16.65 -6.04 23.97
CA GLY B 253 -17.79 -5.27 23.51
C GLY B 253 -17.49 -3.88 22.97
N ARG B 254 -16.22 -3.53 22.84
CA ARG B 254 -15.88 -2.16 22.40
C ARG B 254 -16.18 -1.88 20.93
N PHE B 255 -15.79 -2.82 20.07
CA PHE B 255 -15.84 -2.58 18.63
C PHE B 255 -16.98 -3.29 17.96
N ASP B 256 -17.65 -2.60 17.04
CA ASP B 256 -18.71 -3.17 16.24
C ASP B 256 -18.37 -2.88 14.76
N ILE B 257 -19.00 -3.62 13.84
CA ILE B 257 -18.72 -3.41 12.43
C ILE B 257 -20.00 -3.55 11.61
N ASP B 258 -20.13 -2.72 10.58
CA ASP B 258 -21.21 -2.81 9.61
C ASP B 258 -20.70 -2.45 8.23
N PHE B 259 -21.49 -2.81 7.22
CA PHE B 259 -21.21 -2.40 5.85
C PHE B 259 -22.28 -1.41 5.42
N ASP B 260 -21.85 -0.23 4.96
CA ASP B 260 -22.75 0.82 4.52
C ASP B 260 -22.14 1.44 3.28
N ASP B 261 -22.73 1.16 2.12
CA ASP B 261 -22.15 1.61 0.85
C ASP B 261 -22.29 3.12 0.62
N GLU B 262 -23.03 3.79 1.50
CA GLU B 262 -23.16 5.24 1.43
C GLU B 262 -22.14 5.95 2.31
N LYS B 263 -21.50 5.19 3.20
CA LYS B 263 -20.49 5.75 4.09
C LYS B 263 -19.07 5.27 3.75
N GLY B 264 -18.90 4.60 2.62
CA GLY B 264 -17.59 4.23 2.17
C GLY B 264 -17.19 2.76 2.34
N GLY B 265 -18.12 1.93 2.79
CA GLY B 265 -17.84 0.51 2.93
C GLY B 265 -17.93 0.02 4.36
N PHE B 266 -16.86 -0.58 4.86
CA PHE B 266 -16.87 -1.03 6.24
C PHE B 266 -16.74 0.12 7.24
N ILE B 267 -17.73 0.23 8.12
CA ILE B 267 -17.75 1.26 9.15
C ILE B 267 -17.64 0.58 10.50
N ILE B 268 -16.72 1.05 11.32
CA ILE B 268 -16.48 0.47 12.62
C ILE B 268 -17.12 1.41 13.64
N LYS B 269 -17.67 0.87 14.72
CA LYS B 269 -18.08 1.68 15.86
C LYS B 269 -17.19 1.40 17.06
N ASP B 270 -16.72 2.48 17.69
CA ASP B 270 -15.82 2.40 18.83
C ASP B 270 -16.61 2.89 20.05
N TRP B 271 -17.07 1.97 20.89
CA TRP B 271 -18.03 2.33 21.94
C TRP B 271 -19.14 3.21 21.35
N GLY B 272 -19.60 2.85 20.16
CA GLY B 272 -20.71 3.53 19.51
C GLY B 272 -20.32 4.57 18.47
N ILE B 273 -19.10 5.10 18.57
CA ILE B 273 -18.66 6.18 17.70
C ILE B 273 -18.26 5.61 16.33
N GLU B 274 -18.92 6.07 15.26
CA GLU B 274 -18.60 5.57 13.92
C GLU B 274 -17.24 6.07 13.41
N ARG B 275 -16.55 5.20 12.67
CA ARG B 275 -15.23 5.50 12.15
C ARG B 275 -15.02 4.71 10.86
N PRO B 276 -14.59 5.38 9.79
CA PRO B 276 -14.22 4.62 8.59
C PRO B 276 -13.14 3.60 8.94
N ALA B 277 -13.14 2.44 8.30
CA ALA B 277 -12.13 1.43 8.60
C ALA B 277 -10.71 1.99 8.51
N ARG B 278 -10.44 2.85 7.54
CA ARG B 278 -9.08 3.33 7.35
C ARG B 278 -8.64 4.25 8.51
N GLY B 279 -9.58 4.69 9.32
CA GLY B 279 -9.24 5.58 10.44
C GLY B 279 -8.69 4.83 11.65
N LEU B 280 -8.86 3.51 11.64
CA LEU B 280 -8.39 2.66 12.75
C LEU B 280 -6.87 2.63 12.83
N SER B 281 -6.33 2.41 14.03
CA SER B 281 -4.89 2.27 14.19
C SER B 281 -4.37 1.01 13.48
N GLY B 282 -3.05 0.91 13.35
CA GLY B 282 -2.46 -0.25 12.67
C GLY B 282 -2.86 -1.55 13.34
N GLY B 283 -2.77 -1.60 14.66
CA GLY B 283 -3.09 -2.84 15.36
C GLY B 283 -4.58 -3.11 15.37
N GLU B 284 -5.37 -2.05 15.43
CA GLU B 284 -6.83 -2.19 15.33
C GLU B 284 -7.23 -2.76 13.97
N ARG B 285 -6.62 -2.25 12.90
CA ARG B 285 -6.92 -2.77 11.56
C ARG B 285 -6.53 -4.22 11.42
N ALA B 286 -5.37 -4.59 11.97
CA ALA B 286 -4.99 -5.99 11.97
C ALA B 286 -6.02 -6.87 12.71
N LEU B 287 -6.43 -6.44 13.90
CA LEU B 287 -7.31 -7.24 14.73
C LEU B 287 -8.67 -7.40 14.06
N ILE B 288 -9.19 -6.31 13.53
CA ILE B 288 -10.50 -6.34 12.90
C ILE B 288 -10.47 -7.06 11.54
N SER B 289 -9.40 -6.87 10.77
CA SER B 289 -9.25 -7.55 9.48
C SER B 289 -9.18 -9.06 9.68
N ILE B 290 -8.44 -9.48 10.70
CA ILE B 290 -8.34 -10.92 10.96
C ILE B 290 -9.71 -11.48 11.37
N SER B 291 -10.44 -10.72 12.18
CA SER B 291 -11.78 -11.12 12.63
C SER B 291 -12.73 -11.30 11.46
N LEU B 292 -12.72 -10.34 10.56
CA LEU B 292 -13.53 -10.41 9.34
C LEU B 292 -13.11 -11.59 8.45
N ALA B 293 -11.80 -11.73 8.24
CA ALA B 293 -11.27 -12.79 7.39
C ALA B 293 -11.63 -14.16 7.93
N MET B 294 -11.50 -14.37 9.23
CA MET B 294 -11.84 -15.68 9.79
C MET B 294 -13.35 -15.96 9.65
N SER B 295 -14.17 -14.92 9.81
CA SER B 295 -15.61 -15.05 9.63
C SER B 295 -15.96 -15.41 8.20
N LEU B 296 -15.32 -14.73 7.24
CA LEU B 296 -15.50 -15.08 5.82
C LEU B 296 -15.07 -16.50 5.54
N ALA B 297 -13.90 -16.88 6.06
CA ALA B 297 -13.44 -18.26 5.85
C ALA B 297 -14.47 -19.27 6.39
N GLU B 298 -15.01 -19.02 7.58
CA GLU B 298 -16.02 -19.92 8.14
C GLU B 298 -17.24 -20.03 7.22
N VAL B 299 -17.80 -18.89 6.82
CA VAL B 299 -18.99 -18.92 5.98
C VAL B 299 -18.72 -19.51 4.58
N ALA B 300 -17.48 -19.37 4.08
CA ALA B 300 -17.12 -19.86 2.76
C ALA B 300 -16.77 -21.35 2.72
N SER B 301 -16.88 -22.02 3.86
CA SER B 301 -16.51 -23.43 3.94
C SER B 301 -17.27 -24.21 2.88
N GLY B 302 -16.58 -25.14 2.21
CA GLY B 302 -17.21 -25.86 1.11
C GLY B 302 -16.89 -25.25 -0.25
N ARG B 303 -16.80 -23.92 -0.32
CA ARG B 303 -16.32 -23.26 -1.54
C ARG B 303 -14.80 -23.01 -1.47
N LEU B 304 -14.36 -22.44 -0.35
CA LEU B 304 -12.95 -22.17 -0.12
C LEU B 304 -12.54 -22.84 1.19
N ASP B 305 -11.76 -23.91 1.08
CA ASP B 305 -11.42 -24.72 2.24
C ASP B 305 -9.98 -24.49 2.73
N ALA B 306 -9.47 -23.28 2.52
CA ALA B 306 -8.15 -22.87 2.98
C ALA B 306 -8.26 -21.50 3.64
N PHE B 307 -7.40 -21.25 4.64
CA PHE B 307 -7.31 -19.93 5.27
C PHE B 307 -5.85 -19.70 5.60
N PHE B 308 -5.20 -18.81 4.86
CA PHE B 308 -3.76 -18.56 5.04
C PHE B 308 -3.60 -17.10 5.42
N ILE B 309 -2.77 -16.81 6.41
CA ILE B 309 -2.42 -15.43 6.74
C ILE B 309 -0.90 -15.27 6.78
N ASP B 310 -0.38 -14.41 5.91
CA ASP B 310 1.07 -14.22 5.84
C ASP B 310 1.43 -12.99 6.65
N GLU B 311 1.90 -13.26 7.87
CA GLU B 311 2.36 -12.25 8.81
C GLU B 311 1.33 -11.19 9.07
N GLY B 312 0.11 -11.56 9.44
CA GLY B 312 -0.81 -10.53 9.86
C GLY B 312 -0.76 -10.16 11.35
N PHE B 313 0.36 -10.40 12.06
CA PHE B 313 0.34 -10.49 13.55
C PHE B 313 1.25 -9.55 14.32
N SER B 314 2.38 -9.15 13.72
CA SER B 314 3.33 -8.38 14.51
C SER B 314 2.94 -6.89 14.69
N SER B 315 1.86 -6.46 14.05
CA SER B 315 1.27 -5.13 14.33
C SER B 315 0.49 -5.12 15.66
N LEU B 316 0.19 -6.29 16.18
CA LEU B 316 -0.62 -6.43 17.38
C LEU B 316 0.27 -6.29 18.61
N ASP B 317 -0.20 -5.54 19.60
CA ASP B 317 0.54 -5.45 20.86
C ASP B 317 0.45 -6.76 21.63
N THR B 318 1.20 -6.88 22.72
CA THR B 318 1.26 -8.16 23.43
C THR B 318 -0.10 -8.73 23.77
N GLU B 319 -0.97 -7.89 24.35
CA GLU B 319 -2.29 -8.33 24.78
CA GLU B 319 -2.31 -8.30 24.77
C GLU B 319 -3.15 -8.76 23.59
N ASN B 320 -3.16 -7.95 22.53
CA ASN B 320 -3.97 -8.29 21.36
C ASN B 320 -3.47 -9.51 20.60
N LYS B 321 -2.16 -9.70 20.59
CA LYS B 321 -1.58 -10.86 19.93
C LYS B 321 -2.04 -12.13 20.64
N GLU B 322 -1.92 -12.14 21.96
CA GLU B 322 -2.39 -13.25 22.77
C GLU B 322 -3.88 -13.52 22.55
N LYS B 323 -4.70 -12.46 22.54
CA LYS B 323 -6.14 -12.63 22.34
C LYS B 323 -6.46 -13.19 20.94
N ILE B 324 -5.78 -12.65 19.93
CA ILE B 324 -5.95 -13.14 18.56
C ILE B 324 -5.52 -14.60 18.43
N ALA B 325 -4.40 -14.97 19.03
CA ALA B 325 -3.92 -16.35 18.94
C ALA B 325 -4.95 -17.30 19.55
N SER B 326 -5.55 -16.87 20.65
CA SER B 326 -6.55 -17.69 21.32
C SER B 326 -7.82 -17.87 20.49
N VAL B 327 -8.33 -16.80 19.88
CA VAL B 327 -9.56 -16.89 19.10
CA VAL B 327 -9.56 -16.88 19.09
C VAL B 327 -9.33 -17.68 17.80
N LEU B 328 -8.15 -17.53 17.20
CA LEU B 328 -7.86 -18.26 15.97
C LEU B 328 -7.89 -19.76 16.23
N LYS B 329 -7.51 -20.17 17.43
CA LYS B 329 -7.58 -21.59 17.79
C LYS B 329 -9.01 -22.13 17.68
N GLU B 330 -10.01 -21.26 17.78
CA GLU B 330 -11.40 -21.69 17.58
C GLU B 330 -11.61 -22.33 16.20
N LEU B 331 -10.61 -22.25 15.34
CA LEU B 331 -10.73 -22.77 13.99
C LEU B 331 -10.18 -24.18 13.84
N GLU B 332 -9.41 -24.64 14.82
CA GLU B 332 -8.78 -25.96 14.75
C GLU B 332 -9.82 -27.06 14.53
N ARG B 333 -11.06 -26.76 14.93
CA ARG B 333 -12.21 -27.64 14.83
CA ARG B 333 -12.14 -27.74 14.83
C ARG B 333 -12.67 -27.92 13.40
N LEU B 334 -12.32 -27.02 12.49
CA LEU B 334 -12.92 -27.03 11.15
C LEU B 334 -12.22 -27.96 10.18
N ASN B 335 -12.98 -28.48 9.22
CA ASN B 335 -12.35 -29.26 8.16
C ASN B 335 -11.79 -28.29 7.12
N LYS B 336 -10.76 -27.57 7.54
CA LYS B 336 -10.17 -26.53 6.71
CA LYS B 336 -10.19 -26.48 6.77
C LYS B 336 -8.67 -26.55 6.89
N VAL B 337 -7.93 -26.26 5.83
CA VAL B 337 -6.47 -26.17 5.93
C VAL B 337 -6.13 -24.74 6.33
N ILE B 338 -5.65 -24.57 7.56
CA ILE B 338 -5.36 -23.23 8.06
C ILE B 338 -3.87 -23.08 8.31
N VAL B 339 -3.27 -22.04 7.74
CA VAL B 339 -1.82 -21.82 7.89
C VAL B 339 -1.52 -20.36 8.24
N PHE B 340 -0.81 -20.15 9.34
CA PHE B 340 -0.39 -18.80 9.73
C PHE B 340 1.12 -18.73 9.56
N ILE B 341 1.60 -17.66 8.94
CA ILE B 341 3.02 -17.56 8.64
C ILE B 341 3.61 -16.42 9.45
N THR B 342 4.75 -16.63 10.08
CA THR B 342 5.28 -15.59 10.96
C THR B 342 6.76 -15.77 11.24
N HIS B 343 7.44 -14.68 11.55
CA HIS B 343 8.81 -14.74 12.06
C HIS B 343 8.75 -14.61 13.58
N ASP B 344 7.54 -14.41 14.09
CA ASP B 344 7.31 -13.94 15.46
C ASP B 344 7.08 -15.08 16.46
N ARG B 345 8.12 -15.42 17.22
CA ARG B 345 7.97 -16.47 18.25
C ARG B 345 6.95 -16.20 19.38
N GLU B 346 6.66 -14.94 19.72
CA GLU B 346 5.62 -14.74 20.73
C GLU B 346 4.24 -15.12 20.20
N PHE B 347 4.11 -15.18 18.87
CA PHE B 347 2.89 -15.67 18.25
C PHE B 347 2.96 -17.18 17.99
N SER B 348 4.05 -17.64 17.38
CA SER B 348 4.12 -19.05 16.95
C SER B 348 4.11 -20.03 18.14
N GLU B 349 4.65 -19.60 19.27
CA GLU B 349 4.70 -20.45 20.48
C GLU B 349 3.31 -20.77 21.02
N ALA B 350 2.30 -20.01 20.62
CA ALA B 350 0.93 -20.31 21.06
C ALA B 350 0.34 -21.52 20.35
N PHE B 351 1.00 -22.02 19.31
CA PHE B 351 0.45 -23.13 18.51
C PHE B 351 1.32 -24.39 18.55
N ASP B 352 0.69 -25.55 18.46
CA ASP B 352 1.39 -26.83 18.63
C ASP B 352 2.04 -27.36 17.35
N ARG B 353 1.37 -27.15 16.22
CA ARG B 353 1.82 -27.77 14.97
C ARG B 353 2.57 -26.75 14.14
N LYS B 354 3.86 -27.00 13.94
CA LYS B 354 4.72 -26.03 13.28
C LYS B 354 5.57 -26.64 12.19
N LEU B 355 5.82 -25.83 11.16
CA LEU B 355 6.86 -26.11 10.18
CA LEU B 355 6.85 -26.10 10.16
C LEU B 355 7.85 -24.95 10.23
N ARG B 356 9.14 -25.26 10.14
CA ARG B 356 10.14 -24.21 10.13
C ARG B 356 10.82 -24.13 8.78
N ILE B 357 11.06 -22.92 8.33
CA ILE B 357 11.73 -22.71 7.06
C ILE B 357 12.99 -21.95 7.34
N THR B 358 14.09 -22.42 6.76
CA THR B 358 15.38 -21.78 6.94
C THR B 358 16.20 -22.00 5.67
N GLY B 359 16.75 -20.93 5.12
CA GLY B 359 17.52 -21.04 3.90
C GLY B 359 16.79 -21.75 2.78
N GLY B 360 15.49 -21.52 2.66
CA GLY B 360 14.74 -22.01 1.51
C GLY B 360 14.34 -23.48 1.53
N VAL B 361 14.47 -24.12 2.68
CA VAL B 361 14.03 -25.49 2.84
C VAL B 361 13.23 -25.67 4.12
N VAL B 362 12.25 -26.55 4.06
CA VAL B 362 11.30 -26.71 5.13
C VAL B 362 11.66 -27.87 6.06
N VAL B 363 11.70 -27.61 7.36
CA VAL B 363 12.02 -28.67 8.31
C VAL B 363 10.94 -28.86 9.39
N ASN B 364 10.85 -30.10 9.86
CA ASN B 364 9.87 -30.47 10.88
C ASN B 364 10.50 -31.46 11.87
N LEU C 7 -26.30 -17.06 1.27
CA LEU C 7 -26.89 -18.24 0.66
C LEU C 7 -26.69 -18.29 -0.87
N ASP C 8 -27.62 -18.94 -1.56
CA ASP C 8 -27.46 -19.20 -2.98
C ASP C 8 -27.86 -18.00 -3.83
N TYR C 9 -26.99 -17.64 -4.78
CA TYR C 9 -27.17 -16.46 -5.62
C TYR C 9 -28.54 -16.43 -6.27
N PHE C 10 -28.90 -17.51 -6.96
CA PHE C 10 -30.14 -17.52 -7.73
C PHE C 10 -31.39 -17.73 -6.87
N GLU C 11 -31.25 -18.44 -5.76
CA GLU C 11 -32.32 -18.50 -4.76
C GLU C 11 -32.65 -17.11 -4.20
N LEU C 12 -31.63 -16.37 -3.80
CA LEU C 12 -31.84 -15.01 -3.31
C LEU C 12 -32.41 -14.14 -4.43
N PHE C 13 -31.94 -14.35 -5.65
CA PHE C 13 -32.45 -13.57 -6.78
C PHE C 13 -33.96 -13.71 -6.90
N LYS C 14 -34.46 -14.92 -6.67
CA LYS C 14 -35.91 -15.18 -6.76
C LYS C 14 -36.74 -14.35 -5.80
N GLU C 15 -36.30 -14.26 -4.55
CA GLU C 15 -37.00 -13.47 -3.54
C GLU C 15 -36.85 -11.98 -3.79
N TYR C 16 -35.67 -11.58 -4.21
CA TYR C 16 -35.37 -10.22 -4.62
C TYR C 16 -36.33 -9.77 -5.71
N LEU C 17 -36.52 -10.62 -6.71
CA LEU C 17 -37.34 -10.28 -7.87
C LEU C 17 -38.84 -10.24 -7.52
N LYS C 18 -39.27 -11.19 -6.71
CA LYS C 18 -40.68 -11.22 -6.30
C LYS C 18 -41.12 -9.92 -5.62
N LYS C 19 -40.28 -9.36 -4.76
CA LYS C 19 -40.65 -8.14 -4.05
C LYS C 19 -40.79 -6.96 -4.99
N ARG C 20 -39.99 -6.98 -6.05
CA ARG C 20 -39.85 -5.82 -6.90
C ARG C 20 -40.67 -5.88 -8.19
N GLU C 21 -41.09 -7.08 -8.58
CA GLU C 21 -41.63 -7.27 -9.93
C GLU C 21 -42.87 -8.16 -10.00
N GLU C 22 -44.01 -7.55 -10.37
CA GLU C 22 -45.28 -8.27 -10.45
C GLU C 22 -45.23 -9.45 -11.38
N ASN C 23 -44.48 -9.33 -12.46
CA ASN C 23 -44.40 -10.38 -13.47
CA ASN C 23 -44.39 -10.36 -13.48
C ASN C 23 -43.21 -11.29 -13.23
N HIS C 24 -42.90 -11.53 -11.97
CA HIS C 24 -41.76 -12.36 -11.61
C HIS C 24 -41.85 -13.79 -12.13
N GLU C 25 -43.06 -14.33 -12.20
CA GLU C 25 -43.22 -15.75 -12.55
C GLU C 25 -42.68 -16.05 -13.95
N LYS C 26 -43.12 -15.28 -14.93
CA LYS C 26 -42.68 -15.45 -16.30
C LYS C 26 -41.16 -15.24 -16.44
N LEU C 27 -40.61 -14.27 -15.71
CA LEU C 27 -39.15 -14.05 -15.72
C LEU C 27 -38.35 -15.20 -15.08
N LEU C 28 -38.83 -15.73 -13.96
CA LEU C 28 -38.10 -16.78 -13.26
C LEU C 28 -38.17 -18.10 -14.01
N LYS C 29 -39.27 -18.29 -14.74
CA LYS C 29 -39.42 -19.46 -15.61
C LYS C 29 -38.37 -19.40 -16.70
N ILE C 30 -38.21 -18.23 -17.29
CA ILE C 30 -37.17 -17.99 -18.28
C ILE C 30 -35.78 -18.24 -17.69
N LEU C 31 -35.51 -17.71 -16.51
CA LEU C 31 -34.22 -17.89 -15.85
C LEU C 31 -33.88 -19.36 -15.60
N ASP C 32 -34.87 -20.15 -15.18
CA ASP C 32 -34.65 -21.60 -15.01
C ASP C 32 -34.26 -22.26 -16.32
N GLU C 33 -34.95 -21.89 -17.40
CA GLU C 33 -34.66 -22.48 -18.71
C GLU C 33 -33.24 -22.14 -19.15
N LEU C 34 -32.84 -20.89 -18.93
CA LEU C 34 -31.49 -20.45 -19.29
C LEU C 34 -30.45 -21.20 -18.46
N LEU C 35 -30.68 -21.28 -17.16
CA LEU C 35 -29.74 -21.96 -16.26
C LEU C 35 -29.60 -23.43 -16.63
N ASP C 36 -30.72 -24.04 -16.96
CA ASP C 36 -30.73 -25.43 -17.39
C ASP C 36 -29.86 -25.64 -18.62
N GLU C 37 -30.06 -24.79 -19.64
CA GLU C 37 -29.27 -24.84 -20.85
C GLU C 37 -27.78 -24.65 -20.55
N VAL C 38 -27.47 -23.65 -19.71
CA VAL C 38 -26.08 -23.36 -19.37
C VAL C 38 -25.41 -24.57 -18.73
N LYS C 39 -26.15 -25.26 -17.86
CA LYS C 39 -25.64 -26.46 -17.21
C LYS C 39 -25.39 -27.57 -18.23
N LYS C 40 -26.38 -27.82 -19.08
CA LYS C 40 -26.27 -28.85 -20.11
C LYS C 40 -25.13 -28.56 -21.07
N SER C 41 -24.75 -27.29 -21.17
CA SER C 41 -23.68 -26.89 -22.08
C SER C 41 -22.35 -26.81 -21.35
N LEU D 7 26.60 19.45 -2.59
CA LEU D 7 25.17 19.49 -2.26
C LEU D 7 24.51 20.80 -2.67
N ASP D 8 25.32 21.84 -2.79
CA ASP D 8 24.81 23.18 -3.07
C ASP D 8 24.38 23.31 -4.53
N TYR D 9 23.09 23.59 -4.74
CA TYR D 9 22.49 23.60 -6.08
C TYR D 9 23.26 24.51 -7.03
N PHE D 10 23.40 25.78 -6.68
CA PHE D 10 24.04 26.72 -7.58
C PHE D 10 25.55 26.56 -7.66
N GLU D 11 26.15 26.05 -6.59
CA GLU D 11 27.57 25.72 -6.64
C GLU D 11 27.81 24.59 -7.65
N LEU D 12 26.97 23.57 -7.59
CA LEU D 12 27.06 22.47 -8.56
C LEU D 12 26.78 22.97 -9.96
N PHE D 13 25.81 23.87 -10.12
CA PHE D 13 25.49 24.37 -11.46
C PHE D 13 26.72 25.04 -12.10
N LYS D 14 27.40 25.87 -11.32
CA LYS D 14 28.56 26.61 -11.81
C LYS D 14 29.63 25.68 -12.37
N GLU D 15 29.93 24.61 -11.65
CA GLU D 15 30.87 23.62 -12.13
C GLU D 15 30.36 23.00 -13.42
N TYR D 16 29.08 22.62 -13.42
CA TYR D 16 28.44 21.97 -14.56
C TYR D 16 28.55 22.82 -15.82
N LEU D 17 28.34 24.12 -15.65
CA LEU D 17 28.32 25.05 -16.78
C LEU D 17 29.72 25.26 -17.34
N LYS D 18 30.70 25.37 -16.44
CA LYS D 18 32.08 25.54 -16.86
C LYS D 18 32.57 24.32 -17.65
N LYS D 19 32.02 23.15 -17.36
CA LYS D 19 32.44 21.95 -18.07
C LYS D 19 31.70 21.74 -19.39
N ARG D 20 30.68 22.57 -19.65
CA ARG D 20 29.91 22.46 -20.89
C ARG D 20 30.03 23.67 -21.80
N GLU D 21 30.38 24.82 -21.22
CA GLU D 21 30.34 26.06 -21.98
C GLU D 21 31.67 26.79 -21.93
N GLU D 22 32.37 26.79 -23.06
CA GLU D 22 33.66 27.47 -23.16
C GLU D 22 33.53 28.93 -22.76
N ASN D 23 32.44 29.56 -23.17
CA ASN D 23 32.17 30.93 -22.76
C ASN D 23 31.28 30.96 -21.51
N HIS D 24 31.77 30.37 -20.43
CA HIS D 24 30.97 30.24 -19.20
C HIS D 24 31.06 31.47 -18.30
N GLU D 25 32.07 32.31 -18.52
CA GLU D 25 32.28 33.48 -17.69
C GLU D 25 31.09 34.44 -17.75
N LYS D 26 30.68 34.77 -18.97
CA LYS D 26 29.56 35.68 -19.20
C LYS D 26 28.29 35.13 -18.56
N LEU D 27 28.02 33.85 -18.81
CA LEU D 27 26.79 33.22 -18.35
C LEU D 27 26.67 33.24 -16.83
N LEU D 28 27.77 32.97 -16.14
CA LEU D 28 27.76 32.93 -14.69
C LEU D 28 27.64 34.34 -14.11
N LYS D 29 28.13 35.34 -14.84
CA LYS D 29 27.98 36.73 -14.43
C LYS D 29 26.50 37.09 -14.39
N ILE D 30 25.81 36.77 -15.46
CA ILE D 30 24.37 36.98 -15.56
C ILE D 30 23.63 36.26 -14.44
N LEU D 31 24.01 35.00 -14.20
CA LEU D 31 23.36 34.21 -13.14
C LEU D 31 23.46 34.88 -11.76
N ASP D 32 24.66 35.34 -11.40
CA ASP D 32 24.86 36.03 -10.14
C ASP D 32 23.97 37.26 -10.01
N GLU D 33 23.89 38.03 -11.09
CA GLU D 33 23.03 39.21 -11.09
C GLU D 33 21.57 38.81 -10.83
N LEU D 34 21.11 37.75 -11.50
CA LEU D 34 19.74 37.27 -11.31
C LEU D 34 19.53 36.83 -9.86
N LEU D 35 20.46 36.02 -9.35
CA LEU D 35 20.35 35.54 -7.98
C LEU D 35 20.35 36.69 -7.00
N ASP D 36 21.20 37.68 -7.23
CA ASP D 36 21.29 38.81 -6.33
C ASP D 36 19.94 39.49 -6.21
N GLU D 37 19.29 39.70 -7.35
CA GLU D 37 17.99 40.35 -7.38
C GLU D 37 16.90 39.51 -6.71
N VAL D 38 16.94 38.20 -6.91
CA VAL D 38 15.95 37.32 -6.28
C VAL D 38 16.02 37.44 -4.76
N LYS D 39 17.21 37.25 -4.22
CA LYS D 39 17.44 37.41 -2.78
C LYS D 39 17.00 38.80 -2.33
N LYS D 40 17.60 39.83 -2.91
CA LYS D 40 17.34 41.21 -2.50
C LYS D 40 15.86 41.58 -2.60
N SER D 41 15.14 40.94 -3.52
CA SER D 41 13.73 41.23 -3.71
C SER D 41 12.87 40.58 -2.63
PG ANP E . -1.04 1.11 16.86
O1G ANP E . -0.52 1.64 15.53
O2G ANP E . -2.25 0.14 16.65
O3G ANP E . 0.05 0.44 17.58
PB ANP E . -1.53 3.89 17.75
O1B ANP E . -1.13 4.50 19.14
O2B ANP E . -0.66 4.47 16.66
N3B ANP E . -1.69 2.27 17.89
PA ANP E . -3.57 5.72 16.68
O1A ANP E . -2.91 6.95 17.20
O2A ANP E . -3.39 5.48 15.25
O3A ANP E . -3.04 4.41 17.56
O5' ANP E . -5.09 5.75 16.97
C5' ANP E . -5.58 6.04 18.24
C4' ANP E . -7.01 5.88 18.41
O4' ANP E . -7.73 6.97 17.75
C3' ANP E . -7.52 4.63 17.81
O3' ANP E . -8.42 3.98 18.71
C2' ANP E . -8.23 5.09 16.59
O2' ANP E . -9.24 4.18 16.17
C1' ANP E . -8.80 6.38 17.05
N9 ANP E . -9.35 7.34 16.08
C8 ANP E . -9.08 7.43 14.75
N7 ANP E . -9.74 8.47 14.26
C5 ANP E . -10.42 9.06 15.25
C6 ANP E . -11.28 10.15 15.35
N6 ANP E . -11.51 10.98 14.28
N1 ANP E . -11.83 10.46 16.55
C2 ANP E . -11.58 9.74 17.64
N3 ANP E . -10.77 8.68 17.59
C4 ANP E . -10.19 8.33 16.40
MG MG F . 0.00 3.52 14.88
PG ANP G . 10.08 -12.17 5.84
O1G ANP G . 11.14 -11.06 5.57
O2G ANP G . 9.94 -12.41 7.38
O3G ANP G . 8.81 -11.79 5.28
PB ANP G . 10.21 -14.56 4.07
O1B ANP G . 10.56 -16.03 4.48
O2B ANP G . 8.74 -14.43 3.65
N3B ANP G . 10.83 -13.54 5.22
PA ANP G . 10.62 -14.46 1.17
O1A ANP G . 10.07 -15.82 0.96
O2A ANP G . 9.73 -13.40 0.76
O3A ANP G . 11.08 -14.28 2.75
O5' ANP G . 11.98 -14.25 0.40
C5' ANP G . 13.00 -15.18 0.41
C4' ANP G . 14.22 -14.79 -0.31
O4' ANP G . 13.99 -14.88 -1.75
C3' ANP G . 14.57 -13.37 -0.06
O3' ANP G . 15.95 -13.24 0.22
C2' ANP G . 14.21 -12.68 -1.32
O2' ANP G . 14.93 -11.47 -1.52
C1' ANP G . 14.56 -13.72 -2.31
N9 ANP G . 14.09 -13.58 -3.71
C8 ANP G . 13.09 -12.83 -4.19
N7 ANP G . 12.95 -13.06 -5.49
C5 ANP G . 13.88 -14.00 -5.85
C6 ANP G . 14.27 -14.65 -7.03
N6 ANP G . 13.60 -14.47 -8.20
N1 ANP G . 15.28 -15.53 -7.02
C2 ANP G . 15.95 -15.80 -5.90
N3 ANP G . 15.63 -15.21 -4.75
C4 ANP G . 14.59 -14.30 -4.72
MG MG H . 7.44 -12.76 4.06
#